data_2W7O
#
_entry.id   2W7O
#
_cell.length_a   165.482
_cell.length_b   217.629
_cell.length_c   117.957
_cell.angle_alpha   90.00
_cell.angle_beta   90.00
_cell.angle_gamma   90.00
#
_symmetry.space_group_name_H-M   'C 2 2 21'
#
loop_
_entity.id
_entity.type
_entity.pdbx_description
1 polymer 'DNA POLYMERASE KAPPA'
2 polymer "5'-D(*GP*GP*GP*GP*GP*AP*AP*GP*GP*AP*TP*TP*C)-3'"
3 polymer "5'-D(TP*CP*AP*CP*8OGP*GP*AP*AP*TP*CP*CP*TP* TP*CP*CP*CP*CP*C)-3'"
4 non-polymer "2'-DEOXYGUANOSINE-5'-TRIPHOSPHATE"
5 non-polymer 'CALCIUM ION'
6 water water
#
loop_
_entity_poly.entity_id
_entity_poly.type
_entity_poly.pdbx_seq_one_letter_code
_entity_poly.pdbx_strand_id
1 'polypeptide(L)'
;MGLNDNKAGMEGLDKEKINKIIMEATKGSRFYGNELKKEKQVNQRIENMMQQKAQITSQQLRKAQLQVDRFAMELEQSRN
LSNTIVHIDMDAFYAAVEMRDNPELKDKPIAVGSMSMLSTSNYHARRFGVRAAMPGFIAKRLCPQLIIVPPNFDKYRAVS
KEVKEILADYDPNFMAMSLDEAYLNITKHLEERQNWPEDKRRYFIKMGSSVENDNPGKEVNKLSEHERSISPLLFEESPS
DVQPPGDPFQVNFEEQNNPQILQNSVVFGTSAQEVVKEIRFRIEQKTTLTASAGIAPNTMLAKVCSDKNKPNGQYQILPN
RQAVMDFIKDLPIRKVSGIGKVTEKMLKALGIITCTELYQQRALLSLLFSETSWHYFLHISLGLGSTHLTRDGERKSMSV
ERTFSEINKAEEQYSLCQELCSELAQDLQKERLKGRTVTIKLKNVNFEVKTRASTVSSVVSTAEEIFAIAKELLKTEIDA
DFPHPLRLRLMGVRISSFPNEEDRKHQQ
;
A,B
2 'polydeoxyribonucleotide' (DG)(DG)(DG)(DG)(DG)(DA)(DA)(DG)(DG)(DA)(DT)(DT)(DC) E,P
3 'polydeoxyribonucleotide' (DT)(DC)(DA)(DC)(8OG)(DG)(DA)(DA)(DT)(DC)(DC)(DT)(DT)(DC)(DC)(DC)(DC)(DC) F,T
#
loop_
_chem_comp.id
_chem_comp.type
_chem_comp.name
_chem_comp.formula
8OG DNA linking 8-OXO-2'-DEOXY-GUANOSINE-5'-MONOPHOSPHATE 'C10 H14 N5 O8 P'
CA non-polymer 'CALCIUM ION' 'Ca 2'
DA DNA linking 2'-DEOXYADENOSINE-5'-MONOPHOSPHATE 'C10 H14 N5 O6 P'
DC DNA linking 2'-DEOXYCYTIDINE-5'-MONOPHOSPHATE 'C9 H14 N3 O7 P'
DG DNA linking 2'-DEOXYGUANOSINE-5'-MONOPHOSPHATE 'C10 H14 N5 O7 P'
DGT non-polymer 2'-DEOXYGUANOSINE-5'-TRIPHOSPHATE 'C10 H16 N5 O13 P3'
DT DNA linking THYMIDINE-5'-MONOPHOSPHATE 'C10 H15 N2 O8 P'
#
# COMPACT_ATOMS: atom_id res chain seq x y z
N LYS A 15 13.60 -13.66 26.91
CA LYS A 15 13.01 -12.60 27.75
C LYS A 15 11.85 -11.89 27.05
N GLU A 16 10.67 -12.47 27.16
CA GLU A 16 9.47 -11.87 26.56
C GLU A 16 8.28 -12.01 27.51
N LYS A 17 8.48 -12.82 28.55
CA LYS A 17 7.49 -13.03 29.58
C LYS A 17 7.71 -11.86 30.56
N ILE A 18 7.89 -10.67 29.97
CA ILE A 18 8.12 -9.43 30.69
C ILE A 18 6.75 -8.96 31.14
N ASN A 19 5.75 -9.31 30.35
CA ASN A 19 4.39 -8.95 30.66
C ASN A 19 3.94 -9.84 31.79
N LYS A 20 4.42 -11.08 31.81
CA LYS A 20 4.06 -12.01 32.87
C LYS A 20 4.74 -11.60 34.18
N ILE A 21 5.36 -10.43 34.19
CA ILE A 21 6.01 -9.90 35.38
C ILE A 21 5.35 -8.57 35.69
N ILE A 22 5.01 -7.85 34.63
CA ILE A 22 4.35 -6.55 34.74
C ILE A 22 2.93 -6.77 35.21
N MET A 23 2.20 -7.57 34.44
CA MET A 23 0.81 -7.91 34.75
C MET A 23 0.75 -8.54 36.16
N GLU A 24 1.73 -9.40 36.43
CA GLU A 24 1.86 -10.10 37.71
C GLU A 24 2.26 -9.14 38.84
N ALA A 25 2.39 -7.85 38.50
CA ALA A 25 2.76 -6.82 39.48
C ALA A 25 1.93 -5.55 39.28
N THR A 26 0.75 -5.71 38.69
CA THR A 26 -0.17 -4.61 38.44
C THR A 26 -1.59 -5.02 38.80
N LYS A 27 -1.99 -6.21 38.34
CA LYS A 27 -3.33 -6.77 38.59
C LYS A 27 -4.13 -6.12 39.71
N GLY A 28 -3.63 -6.17 40.93
CA GLY A 28 -4.35 -5.55 42.03
C GLY A 28 -4.53 -4.06 41.81
N SER A 29 -3.45 -3.33 42.10
CA SER A 29 -3.34 -1.88 41.97
C SER A 29 -4.60 -1.06 41.78
N ARG A 30 -4.70 0.02 42.54
CA ARG A 30 -5.84 0.89 42.41
C ARG A 30 -5.71 1.45 41.01
N PHE A 31 -4.47 1.61 40.56
CA PHE A 31 -4.19 2.16 39.25
C PHE A 31 -4.65 1.30 38.09
N TYR A 32 -4.34 0.01 38.12
CA TYR A 32 -4.75 -0.88 37.02
C TYR A 32 -6.26 -0.90 36.97
N GLY A 33 -6.87 -0.77 38.14
CA GLY A 33 -8.31 -0.76 38.20
C GLY A 33 -8.92 0.39 37.43
N ASN A 34 -8.27 1.54 37.49
CA ASN A 34 -8.78 2.71 36.79
C ASN A 34 -8.52 2.60 35.30
N GLU A 35 -7.56 1.78 34.92
CA GLU A 35 -7.26 1.61 33.50
C GLU A 35 -8.39 0.91 32.80
N LEU A 36 -8.88 -0.17 33.40
CA LEU A 36 -10.00 -0.90 32.82
C LEU A 36 -11.12 0.09 32.57
N LYS A 37 -11.31 1.00 33.51
CA LYS A 37 -12.35 2.02 33.41
C LYS A 37 -12.12 2.87 32.17
N LYS A 38 -10.86 3.22 31.93
CA LYS A 38 -10.51 4.02 30.78
C LYS A 38 -10.58 3.16 29.52
N GLU A 39 -10.10 1.91 29.63
CA GLU A 39 -10.13 1.00 28.49
C GLU A 39 -11.56 0.67 28.07
N LYS A 40 -12.52 0.84 28.98
CA LYS A 40 -13.92 0.58 28.67
C LYS A 40 -14.41 1.84 27.95
N GLN A 41 -14.11 2.98 28.55
CA GLN A 41 -14.47 4.29 28.00
C GLN A 41 -14.17 4.32 26.52
N VAL A 42 -12.95 3.90 26.18
CA VAL A 42 -12.53 3.88 24.79
C VAL A 42 -13.34 2.85 24.02
N ASN A 43 -13.26 1.60 24.47
CA ASN A 43 -13.98 0.55 23.78
C ASN A 43 -15.43 0.90 23.54
N GLN A 44 -15.99 1.73 24.42
CA GLN A 44 -17.37 2.17 24.28
C GLN A 44 -17.36 3.20 23.15
N ARG A 45 -16.45 4.16 23.24
CA ARG A 45 -16.32 5.22 22.24
C ARG A 45 -16.13 4.60 20.86
N ILE A 46 -15.66 3.35 20.83
CA ILE A 46 -15.49 2.67 19.56
C ILE A 46 -16.83 2.17 19.04
N GLU A 47 -17.50 1.31 19.81
CA GLU A 47 -18.80 0.79 19.39
C GLU A 47 -19.73 1.86 18.85
N ASN A 48 -19.57 3.11 19.28
CA ASN A 48 -20.42 4.20 18.79
C ASN A 48 -19.95 4.59 17.40
N MET A 49 -18.67 4.41 17.17
CA MET A 49 -18.10 4.71 15.88
C MET A 49 -18.56 3.62 14.92
N MET A 50 -18.34 2.37 15.29
CA MET A 50 -18.72 1.22 14.47
C MET A 50 -20.22 1.24 14.17
N GLN A 51 -20.97 1.87 15.07
CA GLN A 51 -22.43 2.01 14.97
C GLN A 51 -22.75 3.05 13.90
N GLN A 52 -22.44 4.30 14.20
CA GLN A 52 -22.67 5.41 13.30
C GLN A 52 -22.05 5.08 11.95
N LYS A 53 -21.18 4.09 11.93
CA LYS A 53 -20.55 3.67 10.70
C LYS A 53 -21.60 2.93 9.93
N ALA A 54 -21.83 1.69 10.37
CA ALA A 54 -22.81 0.80 9.75
C ALA A 54 -24.21 1.43 9.73
N GLN A 55 -24.34 2.56 9.03
CA GLN A 55 -25.59 3.29 8.93
C GLN A 55 -25.31 4.47 8.02
N ILE A 56 -24.33 4.29 7.14
CA ILE A 56 -23.99 5.31 6.19
C ILE A 56 -24.45 4.84 4.82
N THR A 57 -25.34 5.63 4.21
CA THR A 57 -25.91 5.34 2.90
C THR A 57 -24.83 5.11 1.86
N SER A 58 -25.06 4.14 0.98
CA SER A 58 -24.11 3.85 -0.08
C SER A 58 -23.91 5.15 -0.87
N GLN A 59 -24.76 6.13 -0.59
CA GLN A 59 -24.73 7.45 -1.23
C GLN A 59 -23.84 8.41 -0.43
N GLN A 60 -24.14 8.57 0.86
CA GLN A 60 -23.38 9.45 1.75
C GLN A 60 -21.90 9.27 1.50
N LEU A 61 -21.50 8.03 1.26
CA LEU A 61 -20.10 7.74 0.99
C LEU A 61 -19.71 8.37 -0.34
N ARG A 62 -20.45 8.07 -1.40
CA ARG A 62 -20.13 8.65 -2.70
C ARG A 62 -20.12 10.17 -2.53
N LYS A 63 -21.10 10.69 -1.78
CA LYS A 63 -21.20 12.13 -1.52
C LYS A 63 -19.91 12.63 -0.86
N ALA A 64 -19.42 11.88 0.12
CA ALA A 64 -18.19 12.21 0.81
C ALA A 64 -17.05 12.09 -0.18
N GLN A 65 -16.83 10.88 -0.69
CA GLN A 65 -15.77 10.65 -1.67
C GLN A 65 -15.48 11.87 -2.50
N LEU A 66 -16.52 12.50 -3.05
CA LEU A 66 -16.28 13.70 -3.84
C LEU A 66 -15.63 14.74 -2.93
N GLN A 67 -16.31 15.04 -1.82
CA GLN A 67 -15.81 16.02 -0.86
C GLN A 67 -14.32 15.87 -0.69
N VAL A 68 -13.96 14.76 -0.05
CA VAL A 68 -12.59 14.42 0.23
C VAL A 68 -11.67 14.51 -0.97
N ASP A 69 -11.88 13.66 -1.96
CA ASP A 69 -11.06 13.67 -3.16
C ASP A 69 -10.87 15.08 -3.70
N ARG A 70 -11.91 15.89 -3.56
CA ARG A 70 -11.84 17.25 -4.04
C ARG A 70 -10.85 18.00 -3.17
N PHE A 71 -10.95 17.78 -1.87
CA PHE A 71 -10.08 18.40 -0.89
C PHE A 71 -8.66 17.89 -1.02
N ALA A 72 -8.51 16.57 -1.07
CA ALA A 72 -7.18 15.98 -1.19
C ALA A 72 -6.43 16.59 -2.37
N MET A 73 -7.05 16.55 -3.53
CA MET A 73 -6.46 17.10 -4.74
C MET A 73 -5.99 18.52 -4.49
N GLU A 74 -6.66 19.21 -3.57
CA GLU A 74 -6.26 20.58 -3.24
C GLU A 74 -4.95 20.55 -2.51
N LEU A 75 -4.85 19.71 -1.48
CA LEU A 75 -3.63 19.58 -0.71
C LEU A 75 -2.51 19.13 -1.63
N GLU A 76 -2.76 18.03 -2.34
CA GLU A 76 -1.79 17.45 -3.25
C GLU A 76 -1.15 18.50 -4.18
N GLN A 77 -1.83 19.62 -4.36
CA GLN A 77 -1.30 20.66 -5.21
C GLN A 77 -0.46 21.63 -4.42
N SER A 78 -0.66 21.63 -3.11
CA SER A 78 0.06 22.51 -2.17
C SER A 78 1.14 21.71 -1.47
N ARG A 79 1.52 20.58 -2.06
CA ARG A 79 2.55 19.75 -1.47
C ARG A 79 3.79 20.59 -1.54
N ASN A 80 4.50 20.72 -0.43
CA ASN A 80 5.68 21.56 -0.46
C ASN A 80 6.98 20.78 -0.29
N LEU A 81 7.50 20.29 -1.39
CA LEU A 81 8.73 19.53 -1.32
C LEU A 81 9.89 20.48 -1.53
N SER A 82 9.79 21.66 -0.95
CA SER A 82 10.84 22.65 -1.11
C SER A 82 11.82 22.71 0.06
N ASN A 83 11.33 22.50 1.29
CA ASN A 83 12.23 22.57 2.43
C ASN A 83 12.82 21.22 2.76
N THR A 84 13.94 21.27 3.47
CA THR A 84 14.66 20.10 3.92
C THR A 84 14.67 20.17 5.45
N ILE A 85 13.63 19.64 6.09
CA ILE A 85 13.53 19.65 7.53
C ILE A 85 14.35 18.51 8.13
N VAL A 86 15.02 18.80 9.25
CA VAL A 86 15.82 17.81 9.96
C VAL A 86 15.33 17.78 11.39
N HIS A 87 15.14 16.58 11.91
CA HIS A 87 14.69 16.45 13.27
C HIS A 87 15.85 15.82 14.02
N ILE A 88 16.35 16.50 15.04
CA ILE A 88 17.46 15.96 15.81
C ILE A 88 16.92 15.39 17.10
N ASP A 89 17.20 14.13 17.34
CA ASP A 89 16.74 13.47 18.54
C ASP A 89 17.88 12.78 19.26
N MET A 90 18.19 13.27 20.45
CA MET A 90 19.26 12.73 21.26
C MET A 90 19.02 11.26 21.56
N ASP A 91 20.04 10.57 22.03
CA ASP A 91 19.91 9.15 22.34
C ASP A 91 19.97 8.86 23.82
N ALA A 92 18.88 8.33 24.36
CA ALA A 92 18.76 7.99 25.78
C ALA A 92 19.27 9.16 26.57
N PHE A 93 19.10 10.35 26.00
CA PHE A 93 19.57 11.59 26.58
C PHE A 93 19.83 11.61 28.09
N TYR A 94 18.76 11.65 28.88
CA TYR A 94 18.90 11.70 30.33
C TYR A 94 19.78 10.57 30.86
N ALA A 95 19.70 9.41 30.24
CA ALA A 95 20.53 8.29 30.66
C ALA A 95 21.95 8.61 30.23
N ALA A 96 22.16 8.72 28.92
CA ALA A 96 23.48 9.04 28.38
C ALA A 96 24.13 10.22 29.08
N VAL A 97 23.35 11.22 29.46
CA VAL A 97 23.94 12.36 30.12
C VAL A 97 24.49 11.90 31.44
N GLU A 98 23.72 11.09 32.14
CA GLU A 98 24.14 10.59 33.43
C GLU A 98 25.37 9.67 33.35
N MET A 99 25.36 8.69 32.45
CA MET A 99 26.47 7.75 32.30
C MET A 99 27.74 8.45 31.83
N ARG A 100 27.57 9.66 31.31
CA ARG A 100 28.69 10.43 30.82
C ARG A 100 29.37 11.06 32.01
N ASP A 101 28.58 11.73 32.83
CA ASP A 101 29.04 12.43 34.02
C ASP A 101 29.59 11.50 35.10
N ASN A 102 28.91 10.39 35.33
CA ASN A 102 29.33 9.43 36.34
C ASN A 102 29.70 8.14 35.64
N PRO A 103 30.90 8.09 35.04
CA PRO A 103 31.39 6.90 34.31
C PRO A 103 31.30 5.60 35.10
N GLU A 104 31.16 5.71 36.41
CA GLU A 104 31.07 4.53 37.26
C GLU A 104 29.95 3.58 36.79
N LEU A 105 29.06 4.08 35.94
CA LEU A 105 27.95 3.29 35.42
C LEU A 105 28.29 2.67 34.06
N LYS A 106 28.48 3.52 33.07
CA LYS A 106 28.83 3.10 31.71
C LYS A 106 28.31 1.74 31.27
N ASP A 107 28.97 0.69 31.73
CA ASP A 107 28.62 -0.67 31.37
C ASP A 107 27.51 -1.30 32.23
N LYS A 108 26.77 -0.48 32.96
CA LYS A 108 25.70 -1.02 33.79
C LYS A 108 24.32 -0.60 33.28
N PRO A 109 23.25 -1.30 33.72
CA PRO A 109 21.90 -0.97 33.27
C PRO A 109 21.33 0.07 34.23
N ILE A 110 21.14 1.29 33.75
CA ILE A 110 20.60 2.34 34.58
C ILE A 110 19.36 2.94 33.96
N ALA A 111 18.74 3.88 34.65
CA ALA A 111 17.54 4.56 34.15
C ALA A 111 17.24 5.72 35.06
N VAL A 112 17.10 6.90 34.47
CA VAL A 112 16.79 8.11 35.21
C VAL A 112 15.33 8.05 35.65
N GLY A 113 15.03 8.62 36.80
CA GLY A 113 13.65 8.58 37.28
C GLY A 113 13.55 8.33 38.77
N SER A 114 12.35 8.02 39.25
CA SER A 114 12.14 7.74 40.67
C SER A 114 11.78 6.28 40.79
N MET A 115 11.50 5.83 42.01
CA MET A 115 11.16 4.45 42.23
C MET A 115 9.73 4.22 41.77
N SER A 116 9.03 5.33 41.54
CA SER A 116 7.64 5.27 41.12
C SER A 116 7.44 5.65 39.68
N MET A 117 8.49 5.97 38.95
CA MET A 117 8.31 6.34 37.56
C MET A 117 9.57 6.68 36.80
N LEU A 118 9.99 5.78 35.92
CA LEU A 118 11.18 6.02 35.14
C LEU A 118 10.92 7.05 34.06
N SER A 119 11.95 7.84 33.79
CA SER A 119 11.86 8.90 32.83
C SER A 119 12.58 8.58 31.53
N THR A 120 13.68 7.84 31.61
CA THR A 120 14.48 7.42 30.43
C THR A 120 15.30 6.24 30.88
N SER A 121 15.61 5.32 29.99
CA SER A 121 16.45 4.23 30.45
C SER A 121 17.49 4.03 29.40
N ASN A 122 18.67 3.60 29.82
CA ASN A 122 19.73 3.40 28.89
C ASN A 122 19.48 2.12 28.14
N TYR A 123 20.20 1.94 27.04
CA TYR A 123 20.05 0.77 26.19
C TYR A 123 20.19 -0.57 26.87
N HIS A 124 21.32 -0.77 27.53
CA HIS A 124 21.61 -1.99 28.26
C HIS A 124 20.36 -2.35 29.10
N ALA A 125 19.80 -1.38 29.79
CA ALA A 125 18.62 -1.60 30.63
C ALA A 125 17.41 -2.00 29.80
N ARG A 126 17.28 -1.42 28.63
CA ARG A 126 16.14 -1.72 27.77
C ARG A 126 16.09 -3.18 27.38
N ARG A 127 17.26 -3.82 27.28
CA ARG A 127 17.30 -5.21 26.90
C ARG A 127 16.55 -6.03 27.93
N PHE A 128 16.32 -5.44 29.10
CA PHE A 128 15.60 -6.15 30.17
C PHE A 128 14.12 -5.78 30.15
N GLY A 129 13.74 -4.94 29.21
CA GLY A 129 12.35 -4.53 29.13
C GLY A 129 12.08 -3.18 29.75
N VAL A 130 13.05 -2.63 30.49
CA VAL A 130 12.90 -1.32 31.13
C VAL A 130 12.78 -0.24 30.08
N ARG A 131 11.56 0.21 29.84
CA ARG A 131 11.27 1.25 28.85
C ARG A 131 10.79 2.44 29.64
N ALA A 132 10.78 3.61 29.01
CA ALA A 132 10.34 4.84 29.68
C ALA A 132 8.89 4.78 30.19
N ALA A 133 8.54 5.71 31.07
CA ALA A 133 7.19 5.78 31.62
C ALA A 133 6.77 4.56 32.44
N MET A 134 7.73 3.72 32.80
CA MET A 134 7.44 2.52 33.60
C MET A 134 7.82 2.89 35.03
N PRO A 135 6.96 2.59 36.02
CA PRO A 135 7.30 2.94 37.39
C PRO A 135 8.59 2.30 37.82
N GLY A 136 9.35 2.99 38.66
CA GLY A 136 10.61 2.44 39.10
C GLY A 136 10.47 1.00 39.52
N PHE A 137 9.93 0.80 40.71
CA PHE A 137 9.74 -0.53 41.27
C PHE A 137 9.47 -1.64 40.28
N ILE A 138 8.64 -1.39 39.27
CA ILE A 138 8.38 -2.44 38.29
C ILE A 138 9.65 -2.83 37.57
N ALA A 139 10.34 -1.83 37.04
CA ALA A 139 11.58 -2.06 36.33
C ALA A 139 12.55 -2.93 37.15
N LYS A 140 12.63 -2.66 38.45
CA LYS A 140 13.50 -3.42 39.33
C LYS A 140 13.19 -4.93 39.30
N ARG A 141 11.97 -5.28 38.93
CA ARG A 141 11.55 -6.68 38.85
C ARG A 141 12.14 -7.24 37.57
N LEU A 142 12.07 -6.48 36.49
CA LEU A 142 12.64 -6.95 35.26
C LEU A 142 14.16 -6.97 35.38
N CYS A 143 14.72 -5.87 35.85
CA CYS A 143 16.16 -5.75 36.01
C CYS A 143 16.45 -5.46 37.48
N PRO A 144 16.79 -6.49 38.25
CA PRO A 144 17.08 -6.37 39.68
C PRO A 144 18.36 -5.58 39.97
N GLN A 145 19.22 -5.48 38.96
CA GLN A 145 20.49 -4.76 39.09
C GLN A 145 20.44 -3.33 38.58
N LEU A 146 19.26 -2.93 38.10
CA LEU A 146 19.05 -1.58 37.58
C LEU A 146 19.45 -0.53 38.59
N ILE A 147 20.07 0.54 38.11
CA ILE A 147 20.51 1.61 39.00
C ILE A 147 19.70 2.85 38.63
N ILE A 148 18.73 3.23 39.46
CA ILE A 148 17.94 4.42 39.17
C ILE A 148 18.63 5.69 39.59
N VAL A 149 18.66 6.67 38.69
CA VAL A 149 19.32 7.92 38.99
C VAL A 149 18.32 9.05 39.06
N PRO A 150 18.30 9.81 40.15
CA PRO A 150 17.35 10.91 40.25
C PRO A 150 17.59 11.90 39.13
N PRO A 151 16.55 12.23 38.38
CA PRO A 151 16.71 13.17 37.28
C PRO A 151 17.26 14.50 37.76
N ASN A 152 18.18 15.07 36.99
CA ASN A 152 18.77 16.35 37.32
C ASN A 152 18.70 17.26 36.10
N PHE A 153 17.56 17.93 35.94
CA PHE A 153 17.34 18.80 34.79
C PHE A 153 18.29 19.97 34.61
N ASP A 154 18.69 20.62 35.70
CA ASP A 154 19.63 21.74 35.60
C ASP A 154 20.85 21.26 34.81
N LYS A 155 21.08 19.94 34.87
CA LYS A 155 22.18 19.33 34.17
C LYS A 155 21.82 19.10 32.72
N TYR A 156 20.56 18.72 32.45
CA TYR A 156 20.10 18.47 31.08
C TYR A 156 19.91 19.76 30.34
N ARG A 157 19.36 20.76 31.01
CA ARG A 157 19.18 22.04 30.36
C ARG A 157 20.57 22.50 29.98
N ALA A 158 21.48 22.40 30.93
CA ALA A 158 22.86 22.82 30.69
C ALA A 158 23.40 22.14 29.43
N VAL A 159 23.14 20.85 29.27
CA VAL A 159 23.63 20.14 28.10
C VAL A 159 22.81 20.42 26.87
N SER A 160 21.55 20.78 27.06
CA SER A 160 20.72 21.09 25.92
C SER A 160 21.28 22.37 25.37
N LYS A 161 21.48 23.36 26.24
CA LYS A 161 22.03 24.63 25.80
C LYS A 161 23.33 24.41 25.03
N GLU A 162 24.09 23.39 25.41
CA GLU A 162 25.35 23.14 24.70
C GLU A 162 25.10 22.68 23.29
N VAL A 163 24.12 21.82 23.12
CA VAL A 163 23.81 21.30 21.81
C VAL A 163 22.96 22.26 20.99
N LYS A 164 22.07 23.01 21.63
CA LYS A 164 21.26 23.94 20.86
C LYS A 164 22.19 24.94 20.20
N GLU A 165 23.25 25.33 20.89
CA GLU A 165 24.21 26.29 20.34
C GLU A 165 24.86 25.76 19.06
N ILE A 166 24.84 24.44 18.87
CA ILE A 166 25.41 23.85 17.68
C ILE A 166 24.40 23.93 16.56
N LEU A 167 23.13 23.73 16.90
CA LEU A 167 22.08 23.75 15.89
C LEU A 167 22.00 25.13 15.29
N ALA A 168 22.00 26.15 16.13
CA ALA A 168 21.92 27.52 15.66
C ALA A 168 22.96 27.90 14.60
N ASP A 169 23.96 27.06 14.36
CA ASP A 169 24.94 27.39 13.32
C ASP A 169 24.34 26.93 12.00
N TYR A 170 23.22 26.20 12.06
CA TYR A 170 22.57 25.71 10.87
C TYR A 170 21.19 26.28 10.63
N ASP A 171 20.56 26.75 11.70
CA ASP A 171 19.24 27.35 11.58
C ASP A 171 18.97 28.23 12.77
N PRO A 172 19.19 29.56 12.62
CA PRO A 172 18.97 30.50 13.71
C PRO A 172 17.66 30.26 14.45
N ASN A 173 16.59 30.02 13.71
CA ASN A 173 15.27 29.76 14.31
C ASN A 173 15.08 28.26 14.21
N PHE A 174 15.38 27.53 15.27
CA PHE A 174 15.26 26.09 15.16
C PHE A 174 14.13 25.42 15.92
N MET A 175 13.51 26.09 16.87
CA MET A 175 12.42 25.42 17.58
C MET A 175 12.78 24.08 18.26
N ALA A 176 12.99 24.13 19.56
CA ALA A 176 13.34 22.95 20.32
C ALA A 176 12.12 22.32 20.96
N MET A 177 11.74 21.14 20.48
CA MET A 177 10.57 20.46 21.03
C MET A 177 10.65 20.22 22.52
N SER A 178 11.82 19.83 22.98
CA SER A 178 12.03 19.55 24.40
C SER A 178 13.51 19.57 24.67
N LEU A 179 13.97 18.77 25.60
CA LEU A 179 15.38 18.78 25.87
C LEU A 179 16.16 17.85 24.98
N ASP A 180 15.50 16.85 24.41
CA ASP A 180 16.21 15.93 23.55
C ASP A 180 15.88 16.03 22.07
N GLU A 181 14.90 16.87 21.73
CA GLU A 181 14.48 17.03 20.33
C GLU A 181 14.76 18.44 19.80
N ALA A 182 14.33 18.67 18.56
CA ALA A 182 14.46 19.96 17.90
C ALA A 182 14.33 19.71 16.41
N TYR A 183 13.66 20.62 15.70
CA TYR A 183 13.48 20.54 14.25
C TYR A 183 14.29 21.63 13.57
N LEU A 184 14.90 21.37 12.44
CA LEU A 184 15.64 22.44 11.80
C LEU A 184 15.24 22.54 10.37
N ASN A 185 15.42 23.72 9.79
CA ASN A 185 15.10 23.85 8.39
C ASN A 185 16.39 24.20 7.66
N ILE A 186 17.31 23.26 7.64
CA ILE A 186 18.61 23.45 7.00
C ILE A 186 18.44 23.75 5.52
N THR A 187 17.20 23.94 5.10
CA THR A 187 16.90 24.23 3.71
C THR A 187 17.67 25.48 3.26
N LYS A 188 17.72 26.49 4.12
CA LYS A 188 18.42 27.73 3.84
C LYS A 188 19.91 27.46 3.80
N HIS A 189 20.48 27.02 4.91
CA HIS A 189 21.90 26.73 4.97
C HIS A 189 22.33 25.94 3.73
N LEU A 190 21.61 24.87 3.41
CA LEU A 190 21.97 24.07 2.26
C LEU A 190 22.25 24.92 1.03
N GLU A 191 21.34 25.86 0.73
CA GLU A 191 21.52 26.72 -0.43
C GLU A 191 22.88 27.39 -0.34
N GLU A 192 23.19 27.87 0.86
CA GLU A 192 24.43 28.55 1.16
C GLU A 192 25.67 27.65 1.02
N ARG A 193 25.59 26.50 1.67
CA ARG A 193 26.68 25.52 1.72
C ARG A 193 27.17 24.90 0.42
N GLN A 194 26.27 24.64 -0.52
CA GLN A 194 26.66 24.02 -1.79
C GLN A 194 27.97 24.58 -2.35
N ASN A 195 28.08 25.90 -2.38
CA ASN A 195 29.29 26.54 -2.89
C ASN A 195 30.10 27.06 -1.72
N TRP A 196 30.82 26.17 -1.05
CA TRP A 196 31.61 26.53 0.11
C TRP A 196 32.97 25.86 0.06
N PRO A 197 34.01 26.57 0.49
CA PRO A 197 35.36 26.02 0.49
C PRO A 197 35.48 24.85 1.46
N GLU A 198 36.35 23.89 1.15
CA GLU A 198 36.55 22.73 2.01
C GLU A 198 37.00 23.21 3.39
N ASP A 199 37.13 24.53 3.57
CA ASP A 199 37.57 25.12 4.83
C ASP A 199 36.47 25.18 5.85
N LYS A 200 35.29 25.60 5.42
CA LYS A 200 34.16 25.70 6.33
C LYS A 200 33.53 24.33 6.61
N ARG A 201 34.09 23.28 6.02
CA ARG A 201 33.54 21.95 6.18
C ARG A 201 34.48 20.93 6.83
N ARG A 202 35.56 21.38 7.45
CA ARG A 202 36.48 20.45 8.09
C ARG A 202 36.43 20.65 9.59
N TYR A 203 36.55 19.55 10.33
CA TYR A 203 36.56 19.57 11.79
C TYR A 203 37.58 18.54 12.30
N PHE A 204 38.12 18.79 13.49
CA PHE A 204 39.15 17.91 14.09
C PHE A 204 38.61 16.80 15.00
N ILE A 205 38.93 15.57 14.64
CA ILE A 205 38.46 14.41 15.40
C ILE A 205 38.69 14.57 16.90
N LYS A 206 39.64 15.42 17.28
CA LYS A 206 39.94 15.65 18.70
C LYS A 206 40.65 14.44 19.30
N GLN A 263 43.20 12.52 15.12
CA GLN A 263 42.75 13.87 14.80
C GLN A 263 42.94 14.19 13.31
N ASN A 264 42.82 13.15 12.48
CA ASN A 264 42.95 13.30 11.03
C ASN A 264 41.70 14.01 10.49
N SER A 265 41.49 15.24 10.98
CA SER A 265 40.37 16.11 10.63
C SER A 265 39.50 15.58 9.51
N VAL A 266 38.19 15.46 9.78
CA VAL A 266 37.26 14.96 8.78
C VAL A 266 36.48 16.13 8.18
N VAL A 267 36.29 16.08 6.86
CA VAL A 267 35.60 17.13 6.15
C VAL A 267 34.25 16.67 5.64
N PHE A 268 33.23 17.49 5.84
CA PHE A 268 31.88 17.14 5.43
C PHE A 268 31.40 17.62 4.07
N GLY A 269 30.77 16.69 3.35
CA GLY A 269 30.24 16.98 2.02
C GLY A 269 29.24 18.10 2.00
N THR A 270 28.55 18.25 0.88
CA THR A 270 27.57 19.33 0.74
C THR A 270 26.10 18.90 0.78
N SER A 271 25.85 17.60 0.59
CA SER A 271 24.50 17.06 0.61
C SER A 271 23.91 17.22 1.99
N ALA A 272 22.59 17.39 2.10
CA ALA A 272 21.96 17.56 3.40
C ALA A 272 22.28 16.32 4.19
N GLN A 273 22.21 15.19 3.49
CA GLN A 273 22.54 13.92 4.07
C GLN A 273 23.85 14.06 4.87
N GLU A 274 24.77 14.89 4.38
CA GLU A 274 26.06 15.15 5.00
C GLU A 274 25.99 16.16 6.12
N VAL A 275 25.44 17.33 5.84
CA VAL A 275 25.36 18.36 6.86
C VAL A 275 24.73 17.80 8.12
N VAL A 276 23.90 16.78 7.98
CA VAL A 276 23.31 16.22 9.19
C VAL A 276 24.41 15.39 9.84
N LYS A 277 25.20 14.69 9.04
CA LYS A 277 26.32 13.92 9.59
C LYS A 277 27.23 14.86 10.36
N GLU A 278 27.39 16.08 9.84
CA GLU A 278 28.22 17.08 10.48
C GLU A 278 27.62 17.50 11.83
N ILE A 279 26.34 17.85 11.85
CA ILE A 279 25.69 18.25 13.09
C ILE A 279 25.89 17.15 14.10
N ARG A 280 25.57 15.92 13.69
CA ARG A 280 25.71 14.74 14.53
C ARG A 280 27.12 14.67 15.08
N PHE A 281 28.11 14.88 14.22
CA PHE A 281 29.51 14.86 14.61
C PHE A 281 29.82 15.95 15.65
N ARG A 282 29.59 17.19 15.26
CA ARG A 282 29.84 18.29 16.15
C ARG A 282 29.21 18.01 17.50
N ILE A 283 27.93 17.63 17.51
CA ILE A 283 27.27 17.37 18.79
C ILE A 283 28.02 16.36 19.64
N GLU A 284 28.30 15.18 19.10
CA GLU A 284 29.03 14.19 19.87
C GLU A 284 30.33 14.76 20.39
N GLN A 285 31.12 15.31 19.48
CA GLN A 285 32.40 15.90 19.82
C GLN A 285 32.33 16.93 20.92
N LYS A 286 31.17 17.54 21.14
CA LYS A 286 31.07 18.54 22.18
C LYS A 286 30.25 18.09 23.39
N THR A 287 29.99 16.78 23.52
CA THR A 287 29.22 16.28 24.66
C THR A 287 29.52 14.84 24.97
N THR A 288 29.97 14.10 23.96
CA THR A 288 30.26 12.69 24.08
C THR A 288 28.99 11.94 23.76
N LEU A 289 27.86 12.65 23.84
CA LEU A 289 26.55 12.06 23.56
C LEU A 289 26.26 11.93 22.07
N THR A 290 25.45 10.94 21.69
CA THR A 290 25.11 10.77 20.28
C THR A 290 23.67 11.16 20.10
N ALA A 291 23.31 11.44 18.86
CA ALA A 291 21.96 11.83 18.50
C ALA A 291 21.60 11.19 17.16
N SER A 292 20.32 11.05 16.88
CA SER A 292 19.93 10.48 15.62
C SER A 292 19.17 11.52 14.85
N ALA A 293 19.25 11.47 13.54
CA ALA A 293 18.58 12.47 12.75
C ALA A 293 17.68 11.91 11.66
N GLY A 294 16.64 12.67 11.35
CA GLY A 294 15.69 12.30 10.32
C GLY A 294 15.54 13.49 9.40
N ILE A 295 15.94 13.31 8.14
CA ILE A 295 15.88 14.37 7.16
C ILE A 295 14.72 14.13 6.20
N ALA A 296 13.76 15.04 6.17
CA ALA A 296 12.62 14.89 5.28
C ALA A 296 12.00 16.22 4.86
N PRO A 297 11.15 16.21 3.83
CA PRO A 297 10.47 17.38 3.28
C PRO A 297 9.61 18.17 4.23
N ASN A 298 9.09 17.51 5.26
CA ASN A 298 8.24 18.18 6.24
C ASN A 298 8.47 17.66 7.64
N THR A 299 7.91 18.37 8.61
CA THR A 299 8.03 17.99 10.01
C THR A 299 7.62 16.57 10.29
N MET A 300 6.35 16.28 10.03
CA MET A 300 5.76 14.96 10.24
C MET A 300 6.65 13.77 9.84
N LEU A 301 7.21 13.82 8.65
CA LEU A 301 8.08 12.75 8.17
C LEU A 301 9.41 12.80 8.87
N ALA A 302 9.97 13.99 8.93
CA ALA A 302 11.26 14.18 9.57
C ALA A 302 11.33 13.44 10.89
N LYS A 303 10.29 13.60 11.71
CA LYS A 303 10.26 12.96 13.01
C LYS A 303 10.22 11.46 12.93
N VAL A 304 9.55 10.93 11.92
CA VAL A 304 9.51 9.48 11.83
C VAL A 304 10.86 8.91 11.41
N CYS A 305 11.68 9.71 10.73
CA CYS A 305 12.97 9.22 10.29
C CYS A 305 14.01 9.24 11.37
N SER A 306 13.97 10.27 12.20
CA SER A 306 14.95 10.35 13.27
C SER A 306 15.00 9.03 14.01
N ASP A 307 13.91 8.27 13.93
CA ASP A 307 13.86 6.99 14.63
C ASP A 307 14.09 5.81 13.72
N LYS A 308 14.35 6.05 12.45
CA LYS A 308 14.58 4.95 11.50
C LYS A 308 15.88 4.24 11.80
N ASN A 309 16.93 5.00 12.10
CA ASN A 309 18.23 4.41 12.37
C ASN A 309 18.84 4.76 13.69
N LYS A 310 18.00 4.93 14.70
CA LYS A 310 18.47 5.24 16.04
C LYS A 310 19.03 3.92 16.61
N PRO A 311 20.06 3.97 17.46
CA PRO A 311 20.76 5.13 17.99
C PRO A 311 21.91 5.49 17.05
N ASN A 312 22.41 6.70 17.21
CA ASN A 312 23.49 7.22 16.40
C ASN A 312 23.41 6.75 14.96
N GLY A 313 22.61 7.47 14.18
CA GLY A 313 22.42 7.15 12.76
C GLY A 313 21.40 8.12 12.22
N GLN A 314 21.07 8.03 10.93
CA GLN A 314 20.11 8.95 10.36
C GLN A 314 19.46 8.37 9.12
N TYR A 315 18.36 8.98 8.68
CA TYR A 315 17.64 8.54 7.48
C TYR A 315 17.04 9.74 6.76
N GLN A 316 17.12 9.75 5.43
CA GLN A 316 16.56 10.86 4.64
C GLN A 316 15.59 10.42 3.59
N ILE A 317 14.50 11.17 3.47
CA ILE A 317 13.44 10.92 2.50
C ILE A 317 13.63 12.02 1.47
N LEU A 318 14.00 11.66 0.25
CA LEU A 318 14.24 12.68 -0.77
C LEU A 318 13.01 13.52 -1.10
N PRO A 319 13.23 14.73 -1.68
CA PRO A 319 12.19 15.68 -2.07
C PRO A 319 11.14 15.26 -3.11
N ASN A 320 11.29 14.12 -3.79
CA ASN A 320 10.24 13.79 -4.76
C ASN A 320 9.04 13.19 -4.06
N ARG A 321 7.88 13.42 -4.64
CA ARG A 321 6.65 12.91 -4.06
C ARG A 321 6.69 11.40 -4.02
N GLN A 322 7.36 10.79 -4.97
CA GLN A 322 7.39 9.34 -4.95
C GLN A 322 8.04 8.86 -3.69
N ALA A 323 9.14 9.49 -3.31
CA ALA A 323 9.85 9.11 -2.11
C ALA A 323 8.92 9.15 -0.92
N VAL A 324 8.27 10.30 -0.76
CA VAL A 324 7.34 10.45 0.32
C VAL A 324 6.39 9.28 0.34
N MET A 325 5.84 8.96 -0.82
CA MET A 325 4.87 7.87 -0.93
C MET A 325 5.40 6.48 -0.61
N ASP A 326 6.49 6.10 -1.27
CA ASP A 326 7.05 4.78 -1.03
C ASP A 326 7.44 4.55 0.42
N PHE A 327 7.62 5.65 1.15
CA PHE A 327 7.98 5.59 2.56
C PHE A 327 6.73 5.41 3.40
N ILE A 328 5.67 6.13 3.04
CA ILE A 328 4.43 6.06 3.77
C ILE A 328 3.64 4.80 3.43
N LYS A 329 3.67 4.44 2.16
CA LYS A 329 2.96 3.27 1.65
C LYS A 329 2.72 2.21 2.73
N ASP A 330 3.78 1.64 3.27
CA ASP A 330 3.61 0.60 4.30
C ASP A 330 3.88 1.06 5.73
N LEU A 331 3.93 2.36 5.94
CA LEU A 331 4.20 2.90 7.26
C LEU A 331 3.10 2.62 8.29
N PRO A 332 3.44 1.94 9.40
CA PRO A 332 2.45 1.64 10.44
C PRO A 332 1.83 2.96 10.80
N ILE A 333 0.62 2.96 11.35
CA ILE A 333 0.00 4.23 11.66
C ILE A 333 0.50 4.86 12.96
N ARG A 334 0.51 4.10 14.03
CA ARG A 334 0.96 4.59 15.32
C ARG A 334 2.32 5.29 15.27
N LYS A 335 3.19 4.87 14.36
CA LYS A 335 4.52 5.46 14.23
C LYS A 335 4.50 6.98 14.06
N VAL A 336 3.42 7.47 13.45
CA VAL A 336 3.26 8.90 13.21
C VAL A 336 3.11 9.67 14.51
N SER A 337 3.77 10.81 14.59
CA SER A 337 3.69 11.61 15.80
C SER A 337 2.34 12.30 15.88
N GLY A 338 1.46 11.74 16.70
CA GLY A 338 0.15 12.32 16.84
C GLY A 338 -0.84 11.19 16.99
N ILE A 339 -0.69 10.17 16.15
CA ILE A 339 -1.55 9.00 16.23
C ILE A 339 -0.98 8.26 17.42
N GLY A 340 -1.77 8.17 18.49
CA GLY A 340 -1.30 7.51 19.68
C GLY A 340 -1.83 6.12 19.84
N LYS A 341 -2.15 5.76 21.08
CA LYS A 341 -2.64 4.43 21.38
C LYS A 341 -4.12 4.31 21.11
N VAL A 342 -4.89 5.28 21.57
CA VAL A 342 -6.33 5.24 21.38
C VAL A 342 -6.68 5.36 19.90
N THR A 343 -6.07 6.34 19.24
CA THR A 343 -6.33 6.53 17.82
C THR A 343 -5.92 5.26 17.09
N GLU A 344 -4.77 4.68 17.43
CA GLU A 344 -4.33 3.46 16.74
C GLU A 344 -5.31 2.33 16.95
N LYS A 345 -6.01 2.35 18.08
CA LYS A 345 -6.98 1.32 18.44
C LYS A 345 -8.32 1.56 17.75
N MET A 346 -8.74 2.82 17.68
CA MET A 346 -9.97 3.14 16.99
C MET A 346 -9.73 2.88 15.52
N LEU A 347 -8.71 3.52 14.97
CA LEU A 347 -8.39 3.36 13.56
C LEU A 347 -8.24 1.92 13.16
N LYS A 348 -7.72 1.08 14.06
CA LYS A 348 -7.56 -0.35 13.75
C LYS A 348 -8.90 -1.06 13.75
N ALA A 349 -9.85 -0.53 14.52
CA ALA A 349 -11.19 -1.10 14.58
C ALA A 349 -11.87 -1.04 13.20
N LEU A 350 -11.50 -0.06 12.38
CA LEU A 350 -12.07 0.10 11.04
C LEU A 350 -11.17 -0.58 10.03
N GLY A 351 -10.13 -1.25 10.53
CA GLY A 351 -9.19 -1.93 9.67
C GLY A 351 -8.14 -1.04 9.03
N ILE A 352 -7.56 -0.15 9.82
CA ILE A 352 -6.54 0.76 9.34
C ILE A 352 -5.26 0.52 10.11
N ILE A 353 -4.24 0.01 9.43
CA ILE A 353 -2.97 -0.25 10.10
C ILE A 353 -1.85 0.59 9.54
N THR A 354 -1.75 0.66 8.22
CA THR A 354 -0.72 1.45 7.58
C THR A 354 -1.32 2.79 7.23
N CYS A 355 -0.63 3.54 6.38
CA CYS A 355 -1.10 4.85 5.96
C CYS A 355 -1.77 4.69 4.62
N THR A 356 -1.55 3.54 4.00
CA THR A 356 -2.16 3.26 2.71
C THR A 356 -3.61 3.01 3.01
N GLU A 357 -3.87 2.22 4.05
CA GLU A 357 -5.23 1.93 4.45
C GLU A 357 -5.87 3.29 4.74
N LEU A 358 -5.23 4.05 5.62
CA LEU A 358 -5.72 5.36 6.01
C LEU A 358 -6.08 6.28 4.84
N TYR A 359 -5.45 6.10 3.70
CA TYR A 359 -5.76 6.98 2.58
C TYR A 359 -7.07 6.58 1.96
N GLN A 360 -7.17 5.36 1.45
CA GLN A 360 -8.41 4.90 0.83
C GLN A 360 -9.61 5.07 1.77
N GLN A 361 -9.45 4.72 3.04
CA GLN A 361 -10.55 4.88 3.98
C GLN A 361 -10.90 6.36 4.20
N ARG A 362 -10.18 7.25 3.52
CA ARG A 362 -10.41 8.68 3.69
C ARG A 362 -11.87 9.06 3.64
N ALA A 363 -12.61 8.44 2.71
CA ALA A 363 -14.02 8.75 2.56
C ALA A 363 -14.79 8.59 3.88
N LEU A 364 -14.84 7.37 4.40
CA LEU A 364 -15.55 7.07 5.65
C LEU A 364 -15.02 7.90 6.80
N LEU A 365 -13.73 8.09 6.84
CA LEU A 365 -13.18 8.86 7.93
C LEU A 365 -13.85 10.20 8.06
N SER A 366 -14.14 10.85 6.94
CA SER A 366 -14.80 12.16 7.00
C SER A 366 -16.25 12.06 7.51
N LEU A 367 -16.71 10.84 7.79
CA LEU A 367 -18.06 10.64 8.28
C LEU A 367 -18.07 10.08 9.69
N LEU A 368 -16.90 10.02 10.31
CA LEU A 368 -16.84 9.49 11.66
C LEU A 368 -16.06 10.39 12.59
N PHE A 369 -15.10 11.12 12.04
CA PHE A 369 -14.25 11.98 12.85
C PHE A 369 -14.43 13.48 12.67
N SER A 370 -14.55 14.16 13.81
CA SER A 370 -14.71 15.60 13.84
C SER A 370 -13.72 16.22 12.89
N GLU A 371 -14.23 16.86 11.85
CA GLU A 371 -13.42 17.53 10.82
C GLU A 371 -11.95 17.78 11.12
N THR A 372 -11.66 18.62 12.11
CA THR A 372 -10.27 18.94 12.49
C THR A 372 -9.38 17.70 12.47
N SER A 373 -10.00 16.55 12.70
CA SER A 373 -9.31 15.27 12.74
C SER A 373 -9.12 14.56 11.41
N TRP A 374 -10.19 14.29 10.68
CA TRP A 374 -9.99 13.60 9.42
C TRP A 374 -9.10 14.40 8.48
N HIS A 375 -9.07 15.73 8.66
CA HIS A 375 -8.20 16.56 7.83
C HIS A 375 -6.81 16.03 8.13
N TYR A 376 -6.55 15.89 9.42
CA TYR A 376 -5.30 15.36 9.94
C TYR A 376 -4.97 14.02 9.29
N PHE A 377 -5.85 13.03 9.47
CA PHE A 377 -5.65 11.70 8.87
C PHE A 377 -5.35 11.81 7.39
N LEU A 378 -5.95 12.79 6.74
CA LEU A 378 -5.68 12.97 5.34
C LEU A 378 -4.23 13.38 5.16
N HIS A 379 -3.75 14.35 5.92
CA HIS A 379 -2.37 14.76 5.79
C HIS A 379 -1.41 13.59 6.01
N ILE A 380 -1.58 12.85 7.10
CA ILE A 380 -0.73 11.71 7.37
C ILE A 380 -0.71 10.76 6.16
N SER A 381 -1.87 10.47 5.60
CA SER A 381 -1.96 9.55 4.46
C SER A 381 -1.30 10.06 3.17
N LEU A 382 -1.18 11.37 3.04
CA LEU A 382 -0.56 11.94 1.85
C LEU A 382 0.89 12.22 2.10
N GLY A 383 1.28 12.22 3.37
CA GLY A 383 2.66 12.49 3.70
C GLY A 383 2.88 13.98 3.78
N LEU A 384 1.85 14.67 4.22
CA LEU A 384 1.92 16.09 4.34
C LEU A 384 2.16 16.39 5.79
N GLY A 385 3.03 17.36 6.02
CA GLY A 385 3.34 17.76 7.36
C GLY A 385 3.55 19.24 7.31
N SER A 386 4.09 19.83 8.38
CA SER A 386 4.33 21.25 8.40
C SER A 386 5.62 21.53 7.66
N THR A 387 5.81 22.77 7.26
CA THR A 387 7.02 23.12 6.54
C THR A 387 7.54 24.48 6.92
N HIS A 388 7.23 24.89 8.14
CA HIS A 388 7.70 26.16 8.62
C HIS A 388 7.58 26.05 10.11
N LEU A 389 8.71 25.96 10.77
CA LEU A 389 8.73 25.87 12.22
C LEU A 389 8.43 27.31 12.62
N THR A 390 7.77 27.50 13.76
CA THR A 390 7.41 28.86 14.21
C THR A 390 8.32 29.52 15.27
N ARG A 391 8.05 30.81 15.50
CA ARG A 391 8.79 31.64 16.46
C ARG A 391 8.14 31.71 17.85
N ASP A 392 8.77 31.00 18.80
CA ASP A 392 8.38 30.91 20.22
C ASP A 392 6.92 31.09 20.66
N GLY A 393 5.97 31.00 19.72
CA GLY A 393 4.56 31.17 20.04
C GLY A 393 4.22 31.03 21.52
N GLU A 394 4.50 32.08 22.29
CA GLU A 394 4.26 32.10 23.73
C GLU A 394 3.34 31.00 24.26
N ARG A 395 3.77 30.37 25.36
CA ARG A 395 3.01 29.30 26.00
C ARG A 395 1.55 29.65 26.24
N LYS A 396 0.67 28.68 25.98
CA LYS A 396 -0.75 28.87 26.16
C LYS A 396 -1.16 28.75 27.64
N SER A 397 -0.35 28.07 28.44
CA SER A 397 -0.63 27.88 29.86
C SER A 397 0.61 27.52 30.67
N MET A 398 0.45 27.44 31.99
CA MET A 398 1.55 27.08 32.86
C MET A 398 0.99 26.43 34.09
N SER A 399 1.65 25.38 34.55
CA SER A 399 1.14 24.65 35.70
C SER A 399 2.16 24.07 36.69
N VAL A 400 1.61 23.59 37.78
CA VAL A 400 2.34 22.97 38.85
C VAL A 400 1.37 22.00 39.47
N GLU A 401 1.84 20.78 39.70
CA GLU A 401 1.00 19.75 40.30
C GLU A 401 1.95 18.77 40.97
N ARG A 402 1.46 18.06 41.96
CA ARG A 402 2.32 17.10 42.63
C ARG A 402 1.56 15.92 43.18
N THR A 403 2.20 14.76 43.12
CA THR A 403 1.62 13.52 43.61
C THR A 403 2.17 13.27 45.00
N PHE A 404 1.38 12.68 45.87
CA PHE A 404 1.83 12.44 47.22
C PHE A 404 0.99 11.35 47.87
N SER A 405 1.39 10.94 49.07
CA SER A 405 0.67 9.93 49.81
C SER A 405 -0.69 10.53 50.10
N GLU A 406 -1.70 9.68 50.27
CA GLU A 406 -3.06 10.16 50.51
C GLU A 406 -3.14 11.36 51.43
N ILE A 407 -4.00 12.30 51.08
CA ILE A 407 -4.22 13.50 51.87
C ILE A 407 -5.69 13.76 51.88
N ASN A 408 -6.37 13.37 52.96
CA ASN A 408 -7.80 13.58 53.04
C ASN A 408 -8.16 14.69 54.04
N LYS A 409 -7.29 14.92 55.03
CA LYS A 409 -7.58 15.94 56.01
C LYS A 409 -7.83 17.30 55.33
N ALA A 410 -9.00 17.85 55.60
CA ALA A 410 -9.51 19.14 55.09
C ALA A 410 -8.48 20.25 54.90
N GLU A 411 -8.27 21.04 55.96
CA GLU A 411 -7.33 22.15 55.92
C GLU A 411 -6.00 21.74 55.34
N GLU A 412 -5.70 20.45 55.43
CA GLU A 412 -4.45 19.95 54.88
C GLU A 412 -4.43 20.21 53.37
N GLN A 413 -5.58 19.99 52.73
CA GLN A 413 -5.70 20.17 51.30
C GLN A 413 -5.58 21.62 50.86
N TYR A 414 -6.03 22.56 51.69
CA TYR A 414 -5.92 23.96 51.31
C TYR A 414 -4.47 24.37 51.44
N SER A 415 -3.87 24.00 52.56
CA SER A 415 -2.46 24.34 52.80
C SER A 415 -1.62 23.90 51.62
N LEU A 416 -1.92 22.72 51.08
CA LEU A 416 -1.19 22.18 49.92
C LEU A 416 -1.40 23.16 48.78
N CYS A 417 -2.67 23.33 48.41
CA CYS A 417 -3.09 24.24 47.35
C CYS A 417 -2.34 25.55 47.53
N GLN A 418 -2.22 25.98 48.77
CA GLN A 418 -1.51 27.19 49.09
C GLN A 418 -0.11 27.06 48.48
N GLU A 419 0.66 26.12 49.02
CA GLU A 419 2.03 25.88 48.58
C GLU A 419 2.15 25.82 47.05
N LEU A 420 1.16 25.23 46.39
CA LEU A 420 1.19 25.11 44.92
C LEU A 420 1.14 26.45 44.21
N CYS A 421 0.17 27.27 44.60
CA CYS A 421 0.00 28.58 43.99
C CYS A 421 1.22 29.45 44.22
N SER A 422 1.82 29.30 45.40
CA SER A 422 3.01 30.05 45.70
C SER A 422 3.97 29.71 44.58
N GLU A 423 4.28 28.42 44.45
CA GLU A 423 5.19 27.94 43.42
C GLU A 423 4.75 28.31 42.01
N LEU A 424 3.45 28.21 41.74
CA LEU A 424 2.94 28.53 40.42
C LEU A 424 3.11 29.99 40.08
N ALA A 425 2.68 30.85 41.01
CA ALA A 425 2.78 32.29 40.83
C ALA A 425 4.26 32.64 40.77
N GLN A 426 5.01 31.97 41.62
CA GLN A 426 6.44 32.16 41.70
C GLN A 426 7.06 31.88 40.34
N ASP A 427 6.59 30.82 39.68
CA ASP A 427 7.08 30.43 38.34
C ASP A 427 6.70 31.49 37.31
N LEU A 428 5.58 32.16 37.55
CA LEU A 428 5.08 33.23 36.68
C LEU A 428 5.83 34.55 36.83
N GLN A 429 7.10 34.54 36.43
CA GLN A 429 7.90 35.73 36.54
C GLN A 429 9.10 35.58 35.63
N LYS A 430 9.72 34.41 35.64
CA LYS A 430 10.87 34.15 34.77
C LYS A 430 10.45 34.67 33.40
N GLU A 431 9.14 34.62 33.15
CA GLU A 431 8.51 35.06 31.90
C GLU A 431 7.32 35.98 32.21
N ARG A 432 7.48 36.89 33.17
CA ARG A 432 6.45 37.84 33.60
C ARG A 432 5.11 37.76 32.86
N LEU A 433 4.28 36.76 33.16
CA LEU A 433 2.98 36.63 32.50
C LEU A 433 1.83 36.82 33.48
N LYS A 434 0.63 37.10 32.96
CA LYS A 434 -0.56 37.31 33.79
C LYS A 434 -1.81 36.71 33.14
N GLY A 435 -2.26 35.55 33.61
CA GLY A 435 -3.43 34.92 33.01
C GLY A 435 -4.78 35.29 33.60
N ARG A 436 -5.85 35.00 32.87
CA ARG A 436 -7.20 35.31 33.33
C ARG A 436 -8.08 34.06 33.53
N THR A 437 -7.43 32.92 33.73
CA THR A 437 -8.12 31.65 33.96
C THR A 437 -7.27 30.75 34.87
N VAL A 438 -7.93 30.15 35.86
CA VAL A 438 -7.24 29.29 36.78
C VAL A 438 -7.88 27.90 36.79
N THR A 439 -7.08 26.89 36.49
CA THR A 439 -7.54 25.52 36.44
C THR A 439 -6.97 24.71 37.59
N ILE A 440 -7.83 23.95 38.24
CA ILE A 440 -7.42 23.13 39.38
C ILE A 440 -7.59 21.66 38.99
N LYS A 441 -6.63 20.83 39.38
CA LYS A 441 -6.70 19.42 39.06
C LYS A 441 -6.67 18.58 40.32
N LEU A 442 -7.75 17.86 40.58
CA LEU A 442 -7.84 17.01 41.76
C LEU A 442 -7.89 15.57 41.29
N LYS A 443 -6.99 14.74 41.82
CA LYS A 443 -6.93 13.33 41.44
C LYS A 443 -7.21 12.43 42.63
N ASN A 444 -8.38 11.81 42.56
CA ASN A 444 -8.87 10.89 43.56
C ASN A 444 -7.86 9.78 43.87
N VAL A 445 -7.98 9.13 45.02
CA VAL A 445 -7.08 8.04 45.42
C VAL A 445 -7.16 6.91 44.41
N ASN A 446 -8.22 6.93 43.62
CA ASN A 446 -8.44 5.93 42.61
C ASN A 446 -8.24 6.46 41.22
N PHE A 447 -7.29 7.39 41.12
CA PHE A 447 -6.92 8.01 39.87
C PHE A 447 -8.02 8.74 39.10
N GLU A 448 -9.24 8.75 39.64
CA GLU A 448 -10.34 9.46 39.00
C GLU A 448 -9.97 10.96 38.98
N VAL A 449 -9.79 11.53 37.79
CA VAL A 449 -9.40 12.93 37.74
C VAL A 449 -10.51 13.90 37.35
N LYS A 450 -10.69 14.93 38.18
CA LYS A 450 -11.69 15.96 37.97
C LYS A 450 -10.98 17.30 38.03
N THR A 451 -11.21 18.15 37.05
CA THR A 451 -10.59 19.47 37.04
C THR A 451 -11.63 20.54 36.74
N ARG A 452 -11.77 21.46 37.67
CA ARG A 452 -12.71 22.58 37.59
C ARG A 452 -11.85 23.81 37.41
N ALA A 453 -12.46 24.89 36.96
CA ALA A 453 -11.70 26.12 36.77
C ALA A 453 -12.61 27.29 36.46
N SER A 454 -12.06 28.48 36.59
CA SER A 454 -12.82 29.69 36.34
C SER A 454 -11.93 30.75 35.72
N THR A 455 -12.58 31.75 35.15
CA THR A 455 -11.87 32.84 34.52
C THR A 455 -12.38 34.15 35.13
N VAL A 456 -11.50 35.14 35.19
CA VAL A 456 -11.85 36.45 35.74
C VAL A 456 -11.98 37.47 34.60
N SER A 457 -11.91 38.74 34.95
CA SER A 457 -12.02 39.80 33.95
C SER A 457 -10.68 40.53 33.87
N SER A 458 -9.80 40.22 34.82
CA SER A 458 -8.48 40.83 34.88
C SER A 458 -7.40 39.81 34.58
N VAL A 459 -6.16 40.15 34.90
CA VAL A 459 -5.02 39.28 34.68
C VAL A 459 -4.27 38.98 35.99
N VAL A 460 -4.80 38.02 36.75
CA VAL A 460 -4.22 37.60 38.04
C VAL A 460 -2.77 37.13 37.87
N SER A 461 -1.90 37.43 38.84
CA SER A 461 -0.50 37.03 38.72
C SER A 461 0.28 36.58 39.95
N THR A 462 -0.21 36.90 41.14
CA THR A 462 0.50 36.51 42.37
C THR A 462 -0.25 35.48 43.22
N ALA A 463 0.52 34.74 44.01
CA ALA A 463 0.00 33.70 44.87
C ALA A 463 -1.32 34.09 45.51
N GLU A 464 -1.46 35.38 45.79
CA GLU A 464 -2.65 35.91 46.43
C GLU A 464 -3.93 35.64 45.67
N GLU A 465 -4.19 36.48 44.66
CA GLU A 465 -5.39 36.37 43.85
C GLU A 465 -5.54 35.02 43.18
N ILE A 466 -4.43 34.31 42.99
CA ILE A 466 -4.48 33.00 42.36
C ILE A 466 -5.14 32.03 43.34
N PHE A 467 -4.70 32.09 44.59
CA PHE A 467 -5.25 31.22 45.61
C PHE A 467 -6.74 31.54 45.71
N ALA A 468 -7.05 32.82 45.55
CA ALA A 468 -8.43 33.27 45.61
C ALA A 468 -9.35 32.32 44.85
N ILE A 469 -9.24 32.33 43.52
CA ILE A 469 -10.06 31.49 42.66
C ILE A 469 -9.90 30.02 43.05
N ALA A 470 -8.64 29.61 43.18
CA ALA A 470 -8.28 28.23 43.53
C ALA A 470 -9.13 27.66 44.65
N LYS A 471 -9.03 28.27 45.82
CA LYS A 471 -9.75 27.81 47.00
C LYS A 471 -11.25 27.66 46.80
N GLU A 472 -11.89 28.67 46.21
CA GLU A 472 -13.32 28.58 45.99
C GLU A 472 -13.69 27.33 45.22
N LEU A 473 -13.06 27.15 44.06
CA LEU A 473 -13.30 25.98 43.22
C LEU A 473 -13.07 24.74 44.08
N LEU A 474 -11.89 24.71 44.68
CA LEU A 474 -11.51 23.61 45.56
C LEU A 474 -12.59 23.35 46.60
N LYS A 475 -12.87 24.36 47.40
CA LYS A 475 -13.89 24.28 48.45
C LYS A 475 -15.09 23.57 47.87
N THR A 476 -15.69 24.21 46.88
CA THR A 476 -16.86 23.68 46.20
C THR A 476 -16.86 22.18 46.04
N GLU A 477 -15.70 21.60 45.75
CA GLU A 477 -15.60 20.16 45.55
C GLU A 477 -15.64 19.39 46.86
N ILE A 478 -15.14 19.99 47.94
CA ILE A 478 -15.18 19.31 49.23
C ILE A 478 -16.63 19.32 49.63
N ASP A 479 -17.26 20.47 49.37
CA ASP A 479 -18.67 20.68 49.66
C ASP A 479 -19.42 19.68 48.81
N ALA A 480 -18.97 19.51 47.58
CA ALA A 480 -19.59 18.59 46.65
C ALA A 480 -20.07 17.34 47.39
N ASP A 481 -19.29 16.90 48.37
CA ASP A 481 -19.66 15.71 49.14
C ASP A 481 -19.20 15.87 50.57
N PHE A 482 -19.55 17.01 51.16
CA PHE A 482 -19.16 17.34 52.53
C PHE A 482 -19.16 16.22 53.57
N PRO A 483 -20.20 15.38 53.61
CA PRO A 483 -20.13 14.33 54.64
C PRO A 483 -18.79 13.55 54.55
N HIS A 484 -18.37 13.20 53.33
CA HIS A 484 -17.12 12.46 53.10
C HIS A 484 -16.02 13.37 52.58
N PRO A 485 -14.77 13.17 53.05
CA PRO A 485 -13.63 13.99 52.63
C PRO A 485 -13.17 13.62 51.25
N LEU A 486 -12.35 14.48 50.65
CA LEU A 486 -11.83 14.20 49.33
C LEU A 486 -10.54 13.42 49.48
N ARG A 487 -10.58 12.15 49.12
CA ARG A 487 -9.40 11.32 49.23
C ARG A 487 -8.51 11.62 48.02
N LEU A 488 -7.65 12.62 48.20
CA LEU A 488 -6.74 13.07 47.15
C LEU A 488 -5.44 12.29 47.07
N ARG A 489 -4.85 12.30 45.88
CA ARG A 489 -3.60 11.62 45.58
C ARG A 489 -2.69 12.57 44.82
N LEU A 490 -3.30 13.64 44.32
CA LEU A 490 -2.58 14.66 43.55
C LEU A 490 -3.46 15.87 43.40
N MET A 491 -2.86 17.03 43.56
CA MET A 491 -3.57 18.26 43.40
C MET A 491 -2.79 19.10 42.41
N GLY A 492 -3.51 19.86 41.60
CA GLY A 492 -2.85 20.67 40.61
C GLY A 492 -3.49 22.01 40.32
N VAL A 493 -2.64 22.99 40.09
CA VAL A 493 -3.06 24.34 39.80
C VAL A 493 -2.43 24.77 38.47
N ARG A 494 -3.27 25.06 37.48
CA ARG A 494 -2.80 25.48 36.17
C ARG A 494 -3.42 26.82 35.81
N ILE A 495 -2.60 27.77 35.37
CA ILE A 495 -3.09 29.08 34.98
C ILE A 495 -2.97 29.31 33.47
N SER A 496 -4.02 29.83 32.87
CA SER A 496 -4.03 30.04 31.43
C SER A 496 -4.80 31.28 30.95
N SER A 497 -4.64 31.59 29.66
CA SER A 497 -5.27 32.74 28.99
C SER A 497 -4.43 34.01 29.19
N PHE A 498 -3.24 33.99 28.59
CA PHE A 498 -2.31 35.11 28.67
C PHE A 498 -2.52 36.05 27.49
N PRO A 499 -2.62 37.36 27.75
CA PRO A 499 -2.82 38.35 26.67
C PRO A 499 -1.69 38.37 25.64
N ASN A 500 -0.83 39.38 25.70
CA ASN A 500 0.30 39.53 24.78
C ASN A 500 -0.20 39.88 23.36
N GLU A 501 -1.38 39.35 23.02
CA GLU A 501 -2.01 39.59 21.73
C GLU A 501 -3.52 39.61 21.95
N GLU A 502 -3.99 40.50 22.69
N LYS B 15 10.81 -27.68 -6.52
CA LYS B 15 12.29 -27.46 -6.51
C LYS B 15 12.60 -26.49 -7.63
N GLU B 16 12.91 -25.23 -7.27
CA GLU B 16 13.20 -24.18 -8.25
C GLU B 16 14.41 -24.37 -9.18
N LYS B 17 15.18 -25.44 -8.98
CA LYS B 17 16.33 -25.72 -9.85
C LYS B 17 15.75 -26.12 -11.20
N ILE B 18 14.41 -26.13 -11.25
CA ILE B 18 13.66 -26.49 -12.44
C ILE B 18 14.00 -25.56 -13.59
N ASN B 19 14.42 -24.35 -13.27
CA ASN B 19 14.82 -23.41 -14.31
C ASN B 19 16.20 -23.83 -14.81
N LYS B 20 16.95 -24.49 -13.93
CA LYS B 20 18.27 -24.96 -14.30
C LYS B 20 18.13 -25.95 -15.47
N ILE B 21 17.17 -26.88 -15.35
CA ILE B 21 16.93 -27.88 -16.39
C ILE B 21 16.52 -27.30 -17.74
N ILE B 22 15.59 -26.36 -17.68
CA ILE B 22 15.05 -25.70 -18.86
C ILE B 22 16.06 -24.81 -19.58
N MET B 23 16.39 -23.68 -18.98
CA MET B 23 17.33 -22.75 -19.58
C MET B 23 18.58 -23.50 -20.08
N GLU B 24 18.81 -24.66 -19.48
CA GLU B 24 19.94 -25.50 -19.87
C GLU B 24 19.64 -26.14 -21.22
N ALA B 25 18.53 -26.87 -21.31
CA ALA B 25 18.14 -27.53 -22.55
C ALA B 25 17.74 -26.53 -23.63
N THR B 26 17.54 -25.28 -23.23
CA THR B 26 17.19 -24.25 -24.18
C THR B 26 18.46 -23.68 -24.80
N LYS B 27 19.58 -23.91 -24.12
CA LYS B 27 20.91 -23.48 -24.58
C LYS B 27 20.87 -22.19 -25.38
N GLY B 28 21.58 -22.24 -26.51
CA GLY B 28 21.62 -21.12 -27.42
C GLY B 28 21.10 -21.72 -28.71
N SER B 29 19.79 -21.90 -28.79
CA SER B 29 19.17 -22.46 -29.98
C SER B 29 18.76 -21.29 -30.89
N ARG B 30 18.57 -21.55 -32.18
CA ARG B 30 18.17 -20.47 -33.08
C ARG B 30 16.93 -19.80 -32.52
N PHE B 31 16.39 -20.36 -31.44
CA PHE B 31 15.22 -19.82 -30.78
C PHE B 31 15.63 -18.86 -29.66
N TYR B 32 16.41 -19.38 -28.72
CA TYR B 32 16.87 -18.57 -27.60
C TYR B 32 17.51 -17.31 -28.12
N GLY B 33 18.40 -17.48 -29.08
CA GLY B 33 19.08 -16.35 -29.67
C GLY B 33 18.14 -15.21 -30.03
N ASN B 34 16.85 -15.54 -30.17
CA ASN B 34 15.86 -14.53 -30.50
C ASN B 34 15.23 -13.95 -29.24
N GLU B 35 15.27 -14.72 -28.16
CA GLU B 35 14.72 -14.23 -26.91
C GLU B 35 15.59 -13.09 -26.42
N LEU B 36 16.90 -13.20 -26.64
CA LEU B 36 17.82 -12.16 -26.24
C LEU B 36 17.64 -11.00 -27.21
N LYS B 37 17.69 -11.31 -28.51
CA LYS B 37 17.53 -10.28 -29.52
C LYS B 37 16.16 -9.62 -29.36
N LYS B 38 15.47 -9.98 -28.27
CA LYS B 38 14.14 -9.47 -27.96
C LYS B 38 14.21 -8.74 -26.62
N GLU B 39 14.63 -9.45 -25.57
CA GLU B 39 14.77 -8.88 -24.24
C GLU B 39 15.67 -7.66 -24.38
N LYS B 40 16.69 -7.74 -25.23
CA LYS B 40 17.61 -6.63 -25.46
C LYS B 40 16.84 -5.46 -26.07
N GLN B 41 15.95 -5.76 -27.02
CA GLN B 41 15.14 -4.71 -27.64
C GLN B 41 14.17 -4.18 -26.58
N VAL B 42 13.74 -5.03 -25.65
CA VAL B 42 12.83 -4.58 -24.57
C VAL B 42 13.54 -3.52 -23.73
N ASN B 43 14.61 -3.93 -23.06
CA ASN B 43 15.38 -3.04 -22.23
C ASN B 43 15.53 -1.68 -22.88
N GLN B 44 15.90 -1.68 -24.16
CA GLN B 44 16.05 -0.43 -24.89
C GLN B 44 14.82 0.44 -24.65
N ARG B 45 13.65 -0.19 -24.76
CA ARG B 45 12.37 0.48 -24.56
C ARG B 45 12.26 0.99 -23.12
N ILE B 46 12.74 0.19 -22.17
CA ILE B 46 12.73 0.55 -20.76
C ILE B 46 13.64 1.73 -20.49
N GLU B 47 14.93 1.59 -20.78
CA GLU B 47 15.86 2.68 -20.54
C GLU B 47 15.47 3.91 -21.33
N ASN B 48 14.90 3.70 -22.51
CA ASN B 48 14.47 4.80 -23.34
C ASN B 48 13.42 5.59 -22.58
N MET B 49 12.69 4.87 -21.74
CA MET B 49 11.63 5.43 -20.92
C MET B 49 12.23 6.07 -19.67
N MET B 50 13.21 5.40 -19.08
CA MET B 50 13.84 5.93 -17.88
C MET B 50 14.28 7.36 -18.13
N GLN B 51 15.09 7.56 -19.17
CA GLN B 51 15.55 8.90 -19.51
C GLN B 51 14.36 9.86 -19.51
N GLN B 52 13.37 9.59 -20.36
CA GLN B 52 12.17 10.41 -20.44
C GLN B 52 11.84 10.94 -19.06
N LYS B 53 11.76 10.01 -18.10
CA LYS B 53 11.45 10.33 -16.72
C LYS B 53 12.45 11.35 -16.19
N ALA B 54 13.70 10.92 -16.12
CA ALA B 54 14.82 11.72 -15.63
C ALA B 54 14.81 13.17 -16.09
N GLN B 55 13.90 13.53 -16.99
CA GLN B 55 13.84 14.89 -17.50
C GLN B 55 12.49 15.55 -17.32
N ILE B 56 11.71 15.04 -16.38
CA ILE B 56 10.40 15.62 -16.14
C ILE B 56 10.52 16.57 -14.96
N THR B 57 10.43 17.87 -15.21
CA THR B 57 10.54 18.85 -14.14
C THR B 57 9.40 18.60 -13.16
N SER B 58 9.63 18.90 -11.89
CA SER B 58 8.60 18.69 -10.88
C SER B 58 7.38 19.52 -11.24
N GLN B 59 7.62 20.56 -12.02
CA GLN B 59 6.54 21.43 -12.47
C GLN B 59 5.55 20.57 -13.24
N GLN B 60 6.06 19.89 -14.27
CA GLN B 60 5.27 19.02 -15.16
C GLN B 60 4.55 17.93 -14.42
N LEU B 61 5.23 17.37 -13.42
CA LEU B 61 4.71 16.28 -12.62
C LEU B 61 3.56 16.74 -11.74
N ARG B 62 3.62 17.97 -11.25
CA ARG B 62 2.55 18.47 -10.41
C ARG B 62 1.48 18.92 -11.37
N LYS B 63 1.90 19.15 -12.60
CA LYS B 63 0.98 19.56 -13.66
C LYS B 63 0.07 18.37 -13.90
N ALA B 64 0.67 17.26 -14.33
CA ALA B 64 -0.08 16.02 -14.61
C ALA B 64 -0.79 15.51 -13.38
N GLN B 65 -0.13 15.50 -12.23
CA GLN B 65 -0.79 15.04 -11.03
C GLN B 65 -2.17 15.65 -11.01
N LEU B 66 -2.25 16.97 -11.03
CA LEU B 66 -3.56 17.64 -11.01
C LEU B 66 -4.50 17.10 -12.07
N GLN B 67 -3.99 16.89 -13.26
CA GLN B 67 -4.78 16.36 -14.37
C GLN B 67 -5.38 15.02 -13.97
N VAL B 68 -4.52 14.03 -13.83
CA VAL B 68 -4.92 12.69 -13.43
C VAL B 68 -5.79 12.68 -12.18
N ASP B 69 -5.36 13.38 -11.14
CA ASP B 69 -6.12 13.45 -9.89
C ASP B 69 -7.54 13.83 -10.18
N ARG B 70 -7.71 14.81 -11.05
CA ARG B 70 -9.01 15.31 -11.42
C ARG B 70 -9.83 14.26 -12.18
N PHE B 71 -9.19 13.66 -13.18
CA PHE B 71 -9.83 12.63 -13.99
C PHE B 71 -10.25 11.44 -13.13
N ALA B 72 -9.36 11.03 -12.23
CA ALA B 72 -9.65 9.90 -11.35
C ALA B 72 -10.87 10.21 -10.50
N MET B 73 -10.88 11.37 -9.88
CA MET B 73 -12.01 11.75 -9.06
C MET B 73 -13.30 11.59 -9.84
N GLU B 74 -13.20 11.75 -11.16
CA GLU B 74 -14.35 11.63 -12.06
C GLU B 74 -14.77 10.15 -12.12
N LEU B 75 -13.80 9.29 -12.42
CA LEU B 75 -14.06 7.85 -12.49
C LEU B 75 -14.64 7.36 -11.18
N GLU B 76 -13.95 7.66 -10.09
CA GLU B 76 -14.37 7.23 -8.77
C GLU B 76 -15.82 7.58 -8.50
N GLN B 77 -16.26 8.71 -9.06
CA GLN B 77 -17.65 9.13 -8.90
C GLN B 77 -18.53 8.20 -9.69
N SER B 78 -18.28 8.12 -10.99
CA SER B 78 -19.05 7.25 -11.87
C SER B 78 -18.62 5.80 -11.70
N ARG B 79 -18.21 5.45 -10.49
CA ARG B 79 -17.82 4.07 -10.21
C ARG B 79 -19.12 3.34 -9.98
N ASN B 80 -19.37 2.31 -10.79
CA ASN B 80 -20.59 1.53 -10.68
C ASN B 80 -20.45 0.21 -9.92
N LEU B 81 -21.22 0.09 -8.84
CA LEU B 81 -21.18 -1.11 -8.02
C LEU B 81 -22.56 -1.78 -7.88
N SER B 82 -23.25 -1.96 -9.01
CA SER B 82 -24.56 -2.58 -8.98
C SER B 82 -24.52 -3.99 -9.56
N ASN B 83 -24.04 -4.11 -10.79
CA ASN B 83 -23.97 -5.40 -11.45
C ASN B 83 -23.13 -6.35 -10.62
N THR B 84 -23.40 -7.63 -10.74
CA THR B 84 -22.66 -8.66 -10.00
C THR B 84 -22.11 -9.66 -11.01
N ILE B 85 -20.87 -9.44 -11.45
CA ILE B 85 -20.23 -10.30 -12.46
C ILE B 85 -19.53 -11.57 -11.97
N VAL B 86 -19.57 -12.59 -12.82
CA VAL B 86 -18.96 -13.87 -12.49
C VAL B 86 -18.00 -14.36 -13.58
N HIS B 87 -16.97 -15.06 -13.18
CA HIS B 87 -16.01 -15.57 -14.13
C HIS B 87 -15.79 -17.03 -13.78
N ILE B 88 -16.02 -17.91 -14.75
CA ILE B 88 -15.86 -19.33 -14.55
C ILE B 88 -14.70 -19.87 -15.38
N ASP B 89 -13.81 -20.63 -14.75
CA ASP B 89 -12.65 -21.18 -15.42
C ASP B 89 -12.36 -22.59 -14.90
N MET B 90 -13.15 -23.56 -15.38
CA MET B 90 -13.05 -24.95 -14.96
C MET B 90 -11.65 -25.54 -15.02
N ASP B 91 -11.09 -25.78 -13.84
CA ASP B 91 -9.76 -26.36 -13.67
C ASP B 91 -9.25 -27.26 -14.81
N ALA B 92 -7.96 -27.08 -15.14
CA ALA B 92 -7.30 -27.85 -16.20
C ALA B 92 -8.05 -27.81 -17.52
N PHE B 93 -9.12 -28.58 -17.57
CA PHE B 93 -9.99 -28.68 -18.74
C PHE B 93 -9.39 -29.54 -19.84
N TYR B 94 -8.90 -28.92 -20.92
CA TYR B 94 -8.30 -29.72 -21.99
C TYR B 94 -7.64 -30.94 -21.40
N ALA B 95 -6.79 -30.72 -20.41
CA ALA B 95 -6.10 -31.80 -19.76
C ALA B 95 -7.08 -32.62 -18.91
N ALA B 96 -7.91 -31.93 -18.13
CA ALA B 96 -8.88 -32.60 -17.27
C ALA B 96 -9.92 -33.44 -18.03
N VAL B 97 -10.19 -33.07 -19.28
CA VAL B 97 -11.15 -33.80 -20.12
C VAL B 97 -10.49 -35.04 -20.70
N GLU B 98 -9.46 -34.85 -21.52
CA GLU B 98 -8.73 -35.99 -22.10
C GLU B 98 -8.37 -36.97 -20.99
N MET B 99 -8.22 -36.45 -19.77
CA MET B 99 -7.89 -37.28 -18.61
C MET B 99 -9.11 -37.90 -17.95
N ARG B 100 -9.84 -37.11 -17.16
CA ARG B 100 -11.02 -37.61 -16.45
C ARG B 100 -11.97 -38.34 -17.40
N ASP B 101 -12.07 -37.91 -18.65
CA ASP B 101 -12.95 -38.56 -19.64
C ASP B 101 -12.17 -39.52 -20.57
N ASN B 102 -11.43 -40.44 -19.96
CA ASN B 102 -10.59 -41.44 -20.63
C ASN B 102 -9.48 -41.87 -19.64
N PRO B 103 -9.88 -42.39 -18.46
CA PRO B 103 -8.98 -42.85 -17.39
C PRO B 103 -7.66 -43.47 -17.76
N GLU B 104 -7.11 -44.17 -16.77
CA GLU B 104 -5.80 -44.79 -16.87
C GLU B 104 -4.90 -43.64 -16.43
N LEU B 105 -5.42 -42.43 -16.63
CA LEU B 105 -4.73 -41.19 -16.31
C LEU B 105 -5.30 -40.47 -15.09
N LYS B 106 -6.07 -41.19 -14.28
CA LYS B 106 -6.66 -40.60 -13.08
C LYS B 106 -5.55 -40.09 -12.14
N ASP B 107 -4.38 -40.73 -12.21
CA ASP B 107 -3.22 -40.35 -11.39
C ASP B 107 -2.25 -39.62 -12.30
N LYS B 108 -1.52 -40.44 -13.05
CA LYS B 108 -0.50 -40.02 -14.01
C LYS B 108 -0.54 -38.58 -14.55
N PRO B 109 0.65 -37.96 -14.68
CA PRO B 109 0.82 -36.57 -15.18
C PRO B 109 0.82 -36.50 -16.71
N ILE B 110 -0.24 -35.96 -17.29
CA ILE B 110 -0.33 -35.82 -18.75
C ILE B 110 0.15 -34.45 -19.20
N ALA B 111 -0.61 -33.84 -20.11
CA ALA B 111 -0.31 -32.52 -20.67
C ALA B 111 -0.75 -32.51 -22.13
N VAL B 112 -1.91 -31.93 -22.40
CA VAL B 112 -2.43 -31.85 -23.77
C VAL B 112 -1.49 -31.07 -24.67
N GLY B 113 -1.34 -31.51 -25.91
CA GLY B 113 -0.45 -30.84 -26.84
C GLY B 113 0.49 -31.80 -27.54
N SER B 114 1.35 -31.28 -28.41
CA SER B 114 2.28 -32.13 -29.16
C SER B 114 3.66 -32.22 -28.52
N MET B 115 4.62 -32.74 -29.27
CA MET B 115 5.98 -32.86 -28.77
C MET B 115 6.68 -31.54 -29.02
N SER B 116 6.02 -30.65 -29.75
CA SER B 116 6.60 -29.35 -30.05
C SER B 116 5.79 -28.19 -29.45
N MET B 117 4.74 -28.53 -28.70
CA MET B 117 3.90 -27.51 -28.05
C MET B 117 2.78 -28.04 -27.14
N LEU B 118 2.75 -27.55 -25.91
CA LEU B 118 1.77 -27.97 -24.90
C LEU B 118 0.67 -26.95 -24.68
N SER B 119 -0.56 -27.38 -24.93
CA SER B 119 -1.71 -26.50 -24.78
C SER B 119 -2.19 -26.38 -23.34
N THR B 120 -2.15 -27.46 -22.59
CA THR B 120 -2.59 -27.41 -21.21
C THR B 120 -1.83 -28.40 -20.38
N SER B 121 -1.87 -28.24 -19.07
CA SER B 121 -1.17 -29.15 -18.19
C SER B 121 -2.02 -29.88 -17.16
N ASN B 122 -1.53 -31.06 -16.80
CA ASN B 122 -2.16 -31.93 -15.81
C ASN B 122 -1.73 -31.37 -14.45
N TYR B 123 -2.68 -31.19 -13.53
CA TYR B 123 -2.35 -30.66 -12.21
C TYR B 123 -1.11 -31.33 -11.62
N HIS B 124 -1.06 -32.65 -11.72
CA HIS B 124 0.05 -33.46 -11.22
C HIS B 124 1.30 -33.29 -12.09
N ALA B 125 1.13 -32.65 -13.25
CA ALA B 125 2.23 -32.44 -14.18
C ALA B 125 2.88 -31.09 -13.89
N ARG B 126 2.12 -30.21 -13.28
CA ARG B 126 2.61 -28.89 -12.93
C ARG B 126 3.57 -28.96 -11.75
N ARG B 127 3.32 -29.89 -10.83
CA ARG B 127 4.19 -30.06 -9.66
C ARG B 127 5.60 -30.40 -10.14
N PHE B 128 5.74 -30.69 -11.42
CA PHE B 128 7.04 -31.03 -11.99
C PHE B 128 7.63 -29.92 -12.84
N GLY B 129 6.85 -28.85 -13.03
CA GLY B 129 7.32 -27.75 -13.85
C GLY B 129 6.62 -27.66 -15.18
N VAL B 130 6.01 -28.76 -15.63
CA VAL B 130 5.30 -28.75 -16.91
C VAL B 130 4.15 -27.78 -16.75
N ARG B 131 4.13 -26.78 -17.63
CA ARG B 131 3.10 -25.75 -17.60
C ARG B 131 2.65 -25.53 -19.02
N ALA B 132 1.49 -24.93 -19.20
CA ALA B 132 0.99 -24.68 -20.53
C ALA B 132 2.03 -23.90 -21.35
N ALA B 133 1.83 -23.83 -22.65
CA ALA B 133 2.74 -23.12 -23.55
C ALA B 133 4.22 -23.48 -23.40
N MET B 134 4.49 -24.69 -22.95
CA MET B 134 5.87 -25.16 -22.77
C MET B 134 6.12 -26.16 -23.89
N PRO B 135 7.24 -26.03 -24.61
CA PRO B 135 7.51 -26.97 -25.69
C PRO B 135 7.30 -28.42 -25.27
N GLY B 136 7.11 -29.31 -26.25
CA GLY B 136 6.90 -30.70 -25.94
C GLY B 136 8.12 -31.33 -25.32
N PHE B 137 9.24 -31.34 -26.06
CA PHE B 137 10.45 -31.97 -25.55
C PHE B 137 10.89 -31.48 -24.18
N ILE B 138 10.89 -30.17 -23.98
CA ILE B 138 11.28 -29.60 -22.69
C ILE B 138 10.46 -30.27 -21.60
N ALA B 139 9.15 -30.29 -21.79
CA ALA B 139 8.26 -30.88 -20.82
C ALA B 139 8.75 -32.23 -20.32
N LYS B 140 9.08 -33.13 -21.24
CA LYS B 140 9.55 -34.48 -20.87
C LYS B 140 10.92 -34.44 -20.20
N ARG B 141 11.81 -33.58 -20.68
CA ARG B 141 13.15 -33.46 -20.09
C ARG B 141 12.96 -32.68 -18.80
N LEU B 142 11.87 -32.99 -18.10
CA LEU B 142 11.52 -32.34 -16.86
C LEU B 142 10.54 -33.30 -16.20
N CYS B 143 10.07 -34.25 -17.01
CA CYS B 143 9.12 -35.23 -16.56
C CYS B 143 9.01 -36.33 -17.63
N PRO B 144 9.91 -37.32 -17.58
CA PRO B 144 9.88 -38.40 -18.56
C PRO B 144 8.53 -39.11 -18.60
N GLN B 145 7.76 -39.00 -17.51
CA GLN B 145 6.42 -39.59 -17.40
C GLN B 145 5.43 -38.85 -18.29
N LEU B 146 5.93 -37.81 -18.94
CA LEU B 146 5.13 -36.99 -19.81
C LEU B 146 4.31 -37.80 -20.81
N ILE B 147 2.99 -37.72 -20.65
CA ILE B 147 2.08 -38.42 -21.53
C ILE B 147 1.41 -37.33 -22.38
N ILE B 148 2.21 -36.70 -23.26
CA ILE B 148 1.72 -35.65 -24.14
C ILE B 148 0.55 -36.10 -25.02
N VAL B 149 -0.64 -36.11 -24.42
CA VAL B 149 -1.86 -36.52 -25.10
C VAL B 149 -2.27 -35.53 -26.18
N PRO B 150 -2.41 -35.98 -27.43
CA PRO B 150 -2.80 -35.08 -28.52
C PRO B 150 -4.18 -34.49 -28.25
N PRO B 151 -4.45 -33.26 -28.73
CA PRO B 151 -5.73 -32.55 -28.56
C PRO B 151 -7.00 -33.30 -28.98
N ASN B 152 -8.09 -32.54 -29.18
CA ASN B 152 -9.38 -33.10 -29.57
C ASN B 152 -10.41 -31.98 -29.47
N PHE B 153 -10.06 -30.80 -29.98
CA PHE B 153 -10.93 -29.64 -29.95
C PHE B 153 -12.42 -29.94 -30.10
N ASP B 154 -12.73 -30.99 -30.84
CA ASP B 154 -14.13 -31.37 -31.02
C ASP B 154 -14.67 -31.94 -29.70
N LYS B 155 -13.90 -32.82 -29.07
CA LYS B 155 -14.30 -33.44 -27.80
C LYS B 155 -14.63 -32.40 -26.73
N TYR B 156 -13.94 -31.26 -26.79
CA TYR B 156 -14.13 -30.16 -25.84
C TYR B 156 -15.34 -29.32 -26.26
N ARG B 157 -15.37 -28.94 -27.53
CA ARG B 157 -16.48 -28.15 -28.03
C ARG B 157 -17.80 -28.77 -27.54
N ALA B 158 -17.95 -30.08 -27.72
CA ALA B 158 -19.15 -30.78 -27.28
C ALA B 158 -19.38 -30.62 -25.78
N VAL B 159 -18.29 -30.35 -25.05
CA VAL B 159 -18.34 -30.15 -23.60
C VAL B 159 -18.61 -28.69 -23.25
N SER B 160 -18.03 -27.79 -24.03
CA SER B 160 -18.23 -26.36 -23.82
C SER B 160 -19.72 -26.09 -23.92
N LYS B 161 -20.29 -26.37 -25.10
CA LYS B 161 -21.71 -26.17 -25.35
C LYS B 161 -22.52 -26.92 -24.30
N GLU B 162 -21.92 -27.97 -23.77
CA GLU B 162 -22.53 -28.81 -22.74
C GLU B 162 -22.66 -27.99 -21.45
N VAL B 163 -21.67 -27.14 -21.17
CA VAL B 163 -21.68 -26.30 -19.97
C VAL B 163 -22.27 -24.91 -20.27
N LYS B 164 -21.93 -24.37 -21.45
CA LYS B 164 -22.45 -23.06 -21.89
C LYS B 164 -23.96 -23.14 -21.74
N GLU B 165 -24.45 -24.37 -21.76
CA GLU B 165 -25.86 -24.70 -21.63
C GLU B 165 -26.40 -24.31 -20.24
N ILE B 166 -25.73 -24.78 -19.18
CA ILE B 166 -26.13 -24.49 -17.81
C ILE B 166 -26.12 -23.00 -17.53
N LEU B 167 -25.12 -22.32 -18.09
CA LEU B 167 -24.95 -20.89 -17.89
C LEU B 167 -26.18 -20.07 -18.28
N ALA B 168 -26.57 -20.14 -19.55
CA ALA B 168 -27.74 -19.40 -20.04
C ALA B 168 -28.89 -19.42 -19.04
N ASP B 169 -28.89 -20.42 -18.15
CA ASP B 169 -29.94 -20.56 -17.13
C ASP B 169 -29.94 -19.43 -16.10
N TYR B 170 -28.76 -18.90 -15.79
CA TYR B 170 -28.65 -17.82 -14.82
C TYR B 170 -28.55 -16.46 -15.50
N ASP B 171 -27.76 -16.38 -16.56
CA ASP B 171 -27.63 -15.15 -17.34
C ASP B 171 -27.76 -15.52 -18.81
N PRO B 172 -28.96 -15.31 -19.38
CA PRO B 172 -29.21 -15.63 -20.80
C PRO B 172 -28.24 -14.87 -21.66
N ASN B 173 -28.39 -13.55 -21.61
CA ASN B 173 -27.55 -12.64 -22.34
C ASN B 173 -26.16 -12.61 -21.69
N PHE B 174 -25.37 -13.67 -21.89
CA PHE B 174 -24.02 -13.72 -21.34
C PHE B 174 -22.94 -13.60 -22.41
N MET B 175 -21.74 -14.09 -22.11
CA MET B 175 -20.62 -14.03 -23.03
C MET B 175 -19.52 -14.97 -22.59
N ALA B 176 -19.07 -15.84 -23.48
CA ALA B 176 -18.01 -16.79 -23.16
C ALA B 176 -16.74 -16.42 -23.94
N MET B 177 -15.65 -16.24 -23.23
CA MET B 177 -14.39 -15.87 -23.86
C MET B 177 -13.86 -17.03 -24.69
N SER B 178 -13.90 -18.23 -24.13
CA SER B 178 -13.43 -19.41 -24.84
C SER B 178 -14.14 -20.65 -24.32
N LEU B 179 -13.44 -21.78 -24.39
CA LEU B 179 -14.00 -23.05 -23.94
C LEU B 179 -13.52 -23.27 -22.51
N ASP B 180 -12.58 -22.41 -22.08
CA ASP B 180 -11.95 -22.47 -20.77
C ASP B 180 -12.62 -21.57 -19.72
N GLU B 181 -13.18 -20.44 -20.18
CA GLU B 181 -13.80 -19.45 -19.28
C GLU B 181 -14.93 -18.59 -19.86
N ALA B 182 -15.80 -18.07 -18.99
CA ALA B 182 -16.92 -17.21 -19.42
C ALA B 182 -17.44 -16.29 -18.32
N TYR B 183 -17.80 -15.06 -18.71
CA TYR B 183 -18.34 -14.03 -17.81
C TYR B 183 -19.87 -14.04 -17.86
N LEU B 184 -20.53 -13.47 -16.85
CA LEU B 184 -22.00 -13.41 -16.83
C LEU B 184 -22.58 -12.48 -15.73
N ASN B 185 -23.27 -11.43 -16.14
CA ASN B 185 -23.85 -10.49 -15.19
C ASN B 185 -25.06 -11.05 -14.45
N ILE B 186 -24.83 -11.99 -13.55
CA ILE B 186 -25.91 -12.60 -12.79
C ILE B 186 -26.59 -11.58 -11.90
N THR B 187 -26.78 -10.38 -12.41
CA THR B 187 -27.41 -9.34 -11.64
C THR B 187 -28.92 -9.44 -11.79
N LYS B 188 -29.37 -9.67 -13.02
CA LYS B 188 -30.78 -9.80 -13.35
C LYS B 188 -31.39 -10.97 -12.59
N HIS B 189 -30.66 -12.09 -12.55
CA HIS B 189 -31.13 -13.28 -11.85
C HIS B 189 -31.25 -13.06 -10.35
N LEU B 190 -30.16 -12.70 -9.68
CA LEU B 190 -30.18 -12.49 -8.24
C LEU B 190 -31.31 -11.59 -7.78
N GLU B 191 -31.78 -10.75 -8.68
CA GLU B 191 -32.90 -9.88 -8.38
C GLU B 191 -34.10 -10.81 -8.19
N GLU B 192 -34.43 -11.54 -9.24
CA GLU B 192 -35.54 -12.46 -9.21
C GLU B 192 -35.34 -13.62 -8.24
N ARG B 193 -34.13 -14.17 -8.20
CA ARG B 193 -33.84 -15.29 -7.31
C ARG B 193 -34.06 -14.89 -5.86
N GLN B 194 -34.50 -13.65 -5.65
CA GLN B 194 -34.77 -13.14 -4.33
C GLN B 194 -35.84 -14.00 -3.67
N ASN B 195 -36.98 -14.07 -4.36
CA ASN B 195 -38.11 -14.84 -3.87
C ASN B 195 -38.39 -16.04 -4.78
N TRP B 196 -37.45 -16.99 -4.74
CA TRP B 196 -37.52 -18.24 -5.48
C TRP B 196 -37.54 -19.39 -4.47
N PRO B 197 -37.90 -19.09 -3.20
CA PRO B 197 -37.90 -20.17 -2.19
C PRO B 197 -38.15 -21.62 -2.62
N GLU B 198 -37.29 -22.48 -2.06
CA GLU B 198 -37.31 -23.93 -2.25
C GLU B 198 -37.23 -24.54 -3.64
N ASP B 199 -38.12 -24.12 -4.53
CA ASP B 199 -38.20 -24.65 -5.91
C ASP B 199 -36.90 -25.14 -6.54
N LYS B 200 -36.53 -24.51 -7.66
CA LYS B 200 -35.33 -24.90 -8.40
C LYS B 200 -34.08 -24.30 -7.77
N ARG B 201 -33.97 -24.41 -6.46
CA ARG B 201 -32.82 -23.92 -5.71
C ARG B 201 -32.12 -25.12 -5.07
N ARG B 202 -32.90 -26.19 -4.88
CA ARG B 202 -32.38 -27.43 -4.31
C ARG B 202 -32.22 -28.38 -5.48
N TYR B 203 -30.97 -28.80 -5.76
CA TYR B 203 -30.74 -29.72 -6.88
C TYR B 203 -30.38 -31.13 -6.40
N PHE B 204 -30.66 -32.09 -7.28
CA PHE B 204 -30.43 -33.50 -7.03
C PHE B 204 -29.00 -34.00 -7.30
N ILE B 205 -28.43 -34.71 -6.32
CA ILE B 205 -27.08 -35.26 -6.44
C ILE B 205 -26.97 -36.22 -7.62
N ASN B 264 -27.95 -37.38 -0.37
CA ASN B 264 -28.73 -36.99 -1.53
C ASN B 264 -29.38 -35.60 -1.39
N SER B 265 -29.42 -34.87 -2.51
CA SER B 265 -30.00 -33.51 -2.61
C SER B 265 -29.45 -32.43 -1.66
N VAL B 266 -29.43 -31.19 -2.15
CA VAL B 266 -28.95 -30.02 -1.37
C VAL B 266 -29.54 -28.72 -1.91
N VAL B 267 -29.68 -27.70 -1.06
CA VAL B 267 -30.25 -26.42 -1.47
C VAL B 267 -29.22 -25.27 -1.50
N PHE B 268 -29.55 -24.20 -2.21
CA PHE B 268 -28.68 -23.03 -2.37
C PHE B 268 -29.45 -21.73 -2.13
N GLY B 269 -28.94 -20.88 -1.23
CA GLY B 269 -29.59 -19.63 -0.89
C GLY B 269 -29.75 -18.56 -1.96
N THR B 270 -29.94 -17.32 -1.50
CA THR B 270 -30.12 -16.17 -2.38
C THR B 270 -28.82 -15.40 -2.63
N SER B 271 -27.79 -15.71 -1.85
CA SER B 271 -26.50 -15.03 -1.97
C SER B 271 -25.81 -15.29 -3.29
N ALA B 272 -25.11 -14.28 -3.80
CA ALA B 272 -24.37 -14.41 -5.04
C ALA B 272 -23.36 -15.52 -4.78
N GLN B 273 -22.70 -15.42 -3.64
CA GLN B 273 -21.71 -16.40 -3.22
C GLN B 273 -22.26 -17.79 -3.54
N GLU B 274 -23.54 -17.95 -3.23
CA GLU B 274 -24.27 -19.20 -3.41
C GLU B 274 -24.58 -19.65 -4.84
N VAL B 275 -25.26 -18.82 -5.62
CA VAL B 275 -25.59 -19.20 -6.98
C VAL B 275 -24.34 -19.60 -7.74
N VAL B 276 -23.18 -19.37 -7.14
CA VAL B 276 -21.91 -19.72 -7.77
C VAL B 276 -21.41 -21.08 -7.27
N LYS B 277 -22.13 -21.63 -6.29
CA LYS B 277 -21.79 -22.95 -5.75
C LYS B 277 -22.70 -23.87 -6.57
N GLU B 278 -23.87 -23.33 -6.86
CA GLU B 278 -24.91 -23.99 -7.62
C GLU B 278 -24.55 -24.15 -9.10
N ILE B 279 -23.62 -23.33 -9.59
CA ILE B 279 -23.22 -23.43 -10.99
C ILE B 279 -22.00 -24.34 -11.10
N ARG B 280 -21.25 -24.44 -10.02
CA ARG B 280 -20.08 -25.31 -10.03
C ARG B 280 -20.59 -26.68 -9.61
N PHE B 281 -21.82 -26.70 -9.13
CA PHE B 281 -22.47 -27.94 -8.72
C PHE B 281 -23.11 -28.54 -9.95
N ARG B 282 -23.84 -27.71 -10.69
CA ARG B 282 -24.49 -28.18 -11.90
C ARG B 282 -23.44 -28.56 -12.95
N ILE B 283 -22.40 -27.75 -13.10
CA ILE B 283 -21.35 -28.09 -14.06
C ILE B 283 -20.74 -29.38 -13.56
N GLU B 284 -20.60 -29.48 -12.24
CA GLU B 284 -20.02 -30.65 -11.60
C GLU B 284 -20.69 -31.93 -12.07
N GLN B 285 -22.02 -31.97 -11.96
CA GLN B 285 -22.82 -33.13 -12.35
C GLN B 285 -22.82 -33.32 -13.87
N LYS B 286 -23.35 -32.34 -14.61
CA LYS B 286 -23.43 -32.39 -16.06
C LYS B 286 -22.11 -32.62 -16.80
N THR B 287 -20.99 -32.73 -16.07
CA THR B 287 -19.69 -32.94 -16.73
C THR B 287 -18.62 -33.67 -15.93
N THR B 288 -18.86 -33.87 -14.63
CA THR B 288 -17.88 -34.55 -13.79
C THR B 288 -16.68 -33.64 -13.48
N LEU B 289 -16.29 -32.85 -14.48
CA LEU B 289 -15.16 -31.94 -14.34
C LEU B 289 -15.46 -30.78 -13.41
N THR B 290 -14.42 -30.29 -12.74
CA THR B 290 -14.54 -29.18 -11.80
C THR B 290 -14.46 -27.82 -12.49
N ALA B 291 -14.70 -26.77 -11.70
CA ALA B 291 -14.66 -25.41 -12.18
C ALA B 291 -14.02 -24.53 -11.11
N SER B 292 -14.09 -23.24 -11.33
CA SER B 292 -13.53 -22.28 -10.39
C SER B 292 -14.08 -20.94 -10.85
N ALA B 293 -14.51 -20.12 -9.90
CA ALA B 293 -15.06 -18.83 -10.30
C ALA B 293 -14.91 -17.73 -9.27
N GLY B 294 -14.88 -16.50 -9.77
CA GLY B 294 -14.77 -15.36 -8.90
C GLY B 294 -16.02 -14.52 -9.08
N ILE B 295 -16.34 -13.72 -8.09
CA ILE B 295 -17.52 -12.87 -8.13
C ILE B 295 -17.08 -11.46 -7.74
N ALA B 296 -17.31 -10.50 -8.62
CA ALA B 296 -16.90 -9.13 -8.35
C ALA B 296 -17.78 -8.10 -9.03
N PRO B 297 -17.67 -6.83 -8.62
CA PRO B 297 -18.48 -5.76 -9.23
C PRO B 297 -18.16 -5.51 -10.70
N ASN B 298 -17.12 -6.13 -11.22
CA ASN B 298 -16.77 -5.94 -12.62
C ASN B 298 -15.99 -7.10 -13.23
N THR B 299 -15.93 -7.09 -14.55
CA THR B 299 -15.24 -8.10 -15.33
C THR B 299 -13.81 -8.36 -14.84
N MET B 300 -13.01 -7.30 -14.81
CA MET B 300 -11.62 -7.41 -14.39
C MET B 300 -11.42 -8.06 -13.03
N LEU B 301 -11.98 -7.45 -12.00
CA LEU B 301 -11.85 -7.99 -10.66
C LEU B 301 -12.25 -9.46 -10.66
N ALA B 302 -13.42 -9.74 -11.21
CA ALA B 302 -13.92 -11.11 -11.27
C ALA B 302 -12.84 -12.06 -11.80
N LYS B 303 -12.37 -11.79 -13.01
CA LYS B 303 -11.37 -12.66 -13.63
C LYS B 303 -10.16 -12.93 -12.75
N VAL B 304 -9.87 -12.02 -11.82
CA VAL B 304 -8.72 -12.18 -10.94
C VAL B 304 -9.04 -13.03 -9.74
N CYS B 305 -10.28 -12.92 -9.26
CA CYS B 305 -10.69 -13.71 -8.11
C CYS B 305 -10.77 -15.16 -8.51
N SER B 306 -11.46 -15.44 -9.62
CA SER B 306 -11.60 -16.81 -10.08
C SER B 306 -10.32 -17.61 -9.80
N ASP B 307 -9.20 -17.20 -10.40
CA ASP B 307 -7.94 -17.91 -10.20
C ASP B 307 -7.31 -17.78 -8.82
N LYS B 308 -8.05 -17.26 -7.84
CA LYS B 308 -7.53 -17.11 -6.47
C LYS B 308 -7.47 -18.45 -5.74
N ASN B 309 -8.64 -19.07 -5.59
CA ASN B 309 -8.78 -20.38 -4.96
C ASN B 309 -8.90 -21.35 -6.15
N LYS B 310 -7.90 -21.26 -7.03
CA LYS B 310 -7.84 -22.01 -8.28
C LYS B 310 -8.36 -23.43 -8.36
N PRO B 311 -7.76 -24.38 -7.62
CA PRO B 311 -8.26 -25.76 -7.69
C PRO B 311 -9.66 -26.00 -7.11
N ASN B 312 -10.68 -25.84 -7.95
CA ASN B 312 -12.06 -26.04 -7.52
C ASN B 312 -12.35 -25.17 -6.29
N GLY B 313 -12.61 -23.90 -6.55
CA GLY B 313 -12.90 -22.95 -5.49
C GLY B 313 -13.36 -21.62 -6.05
N GLN B 314 -14.08 -20.86 -5.24
CA GLN B 314 -14.60 -19.58 -5.69
C GLN B 314 -14.32 -18.51 -4.64
N TYR B 315 -14.14 -17.27 -5.10
CA TYR B 315 -13.89 -16.16 -4.21
C TYR B 315 -14.76 -14.96 -4.60
N GLN B 316 -15.28 -14.25 -3.62
CA GLN B 316 -16.09 -13.07 -3.91
C GLN B 316 -15.46 -11.78 -3.39
N ILE B 317 -16.04 -10.65 -3.79
CA ILE B 317 -15.57 -9.33 -3.40
C ILE B 317 -16.84 -8.53 -3.24
N LEU B 318 -17.34 -8.40 -2.02
CA LEU B 318 -18.59 -7.67 -1.80
C LEU B 318 -18.60 -6.34 -2.55
N PRO B 319 -19.78 -5.89 -3.00
CA PRO B 319 -20.02 -4.65 -3.76
C PRO B 319 -19.76 -3.28 -3.12
N ASN B 320 -19.02 -3.19 -2.03
CA ASN B 320 -18.75 -1.88 -1.43
C ASN B 320 -17.35 -1.46 -1.87
N ARG B 321 -17.10 -0.16 -1.97
CA ARG B 321 -15.80 0.33 -2.39
C ARG B 321 -14.66 -0.32 -1.60
N GLN B 322 -14.59 0.00 -0.32
CA GLN B 322 -13.56 -0.53 0.55
C GLN B 322 -13.11 -1.95 0.28
N ALA B 323 -14.05 -2.88 0.14
CA ALA B 323 -13.69 -4.28 -0.11
C ALA B 323 -12.84 -4.40 -1.36
N VAL B 324 -13.23 -3.68 -2.41
CA VAL B 324 -12.47 -3.68 -3.65
C VAL B 324 -11.06 -3.20 -3.36
N MET B 325 -10.97 -2.01 -2.76
CA MET B 325 -9.69 -1.41 -2.44
C MET B 325 -8.78 -2.32 -1.63
N ASP B 326 -9.34 -3.13 -0.75
CA ASP B 326 -8.49 -3.99 0.07
C ASP B 326 -7.99 -5.17 -0.73
N PHE B 327 -8.78 -5.54 -1.71
CA PHE B 327 -8.41 -6.66 -2.56
C PHE B 327 -7.38 -6.22 -3.56
N ILE B 328 -7.37 -4.94 -3.87
CA ILE B 328 -6.42 -4.38 -4.83
C ILE B 328 -5.07 -4.08 -4.17
N LYS B 329 -5.13 -3.55 -2.95
CA LYS B 329 -3.95 -3.18 -2.17
C LYS B 329 -2.64 -3.84 -2.53
N ASP B 330 -2.44 -5.07 -2.05
CA ASP B 330 -1.20 -5.79 -2.31
C ASP B 330 -1.22 -6.70 -3.54
N LEU B 331 -2.21 -6.48 -4.41
CA LEU B 331 -2.33 -7.29 -5.62
C LEU B 331 -1.24 -7.04 -6.62
N PRO B 332 -0.42 -8.05 -6.93
CA PRO B 332 0.68 -7.90 -7.90
C PRO B 332 0.08 -7.59 -9.27
N ILE B 333 0.39 -6.43 -9.84
CA ILE B 333 -0.20 -6.05 -11.12
C ILE B 333 -0.19 -7.13 -12.20
N ARG B 334 0.86 -7.93 -12.27
CA ARG B 334 0.93 -8.96 -13.31
C ARG B 334 -0.27 -9.91 -13.30
N LYS B 335 -0.86 -10.08 -12.12
CA LYS B 335 -1.99 -10.98 -11.91
C LYS B 335 -3.33 -10.50 -12.46
N VAL B 336 -3.30 -9.61 -13.45
CA VAL B 336 -4.52 -9.14 -14.09
C VAL B 336 -4.32 -9.25 -15.59
N SER B 337 -5.42 -9.33 -16.33
CA SER B 337 -5.35 -9.43 -17.78
C SER B 337 -4.79 -8.14 -18.35
N GLY B 338 -4.28 -8.18 -19.58
CA GLY B 338 -3.75 -6.97 -20.17
C GLY B 338 -2.36 -6.60 -19.69
N ILE B 339 -2.00 -7.06 -18.49
CA ILE B 339 -0.68 -6.77 -17.93
C ILE B 339 0.10 -8.06 -17.96
N GLY B 340 1.19 -8.08 -18.74
CA GLY B 340 1.98 -9.29 -18.87
C GLY B 340 3.49 -9.17 -18.81
N LYS B 341 4.17 -10.24 -19.21
CA LYS B 341 5.63 -10.30 -19.20
C LYS B 341 6.33 -8.94 -19.25
N VAL B 342 6.13 -8.23 -20.35
CA VAL B 342 6.77 -6.94 -20.56
C VAL B 342 6.22 -5.74 -19.80
N THR B 343 4.90 -5.60 -19.70
CA THR B 343 4.35 -4.46 -18.96
C THR B 343 4.80 -4.56 -17.50
N GLU B 344 4.81 -5.79 -16.99
CA GLU B 344 5.25 -6.00 -15.61
C GLU B 344 6.72 -5.59 -15.52
N LYS B 345 7.55 -6.11 -16.42
CA LYS B 345 8.97 -5.79 -16.44
C LYS B 345 9.17 -4.29 -16.46
N MET B 346 8.51 -3.63 -17.41
CA MET B 346 8.65 -2.20 -17.57
C MET B 346 8.28 -1.40 -16.35
N LEU B 347 7.18 -1.75 -15.72
CA LEU B 347 6.78 -1.00 -14.55
C LEU B 347 7.69 -1.27 -13.36
N LYS B 348 8.19 -2.49 -13.23
CA LYS B 348 9.07 -2.81 -12.11
C LYS B 348 10.22 -1.83 -12.06
N ALA B 349 10.92 -1.67 -13.18
CA ALA B 349 12.06 -0.74 -13.26
C ALA B 349 11.64 0.67 -12.86
N LEU B 350 10.34 0.86 -12.69
CA LEU B 350 9.79 2.15 -12.30
C LEU B 350 9.40 2.11 -10.83
N GLY B 351 9.62 0.94 -10.22
CA GLY B 351 9.29 0.73 -8.82
C GLY B 351 7.88 0.17 -8.57
N ILE B 352 7.10 0.08 -9.63
CA ILE B 352 5.73 -0.41 -9.54
C ILE B 352 5.64 -1.94 -9.55
N ILE B 353 5.02 -2.49 -8.50
CA ILE B 353 4.84 -3.92 -8.36
C ILE B 353 3.41 -4.29 -8.02
N THR B 354 2.77 -3.49 -7.17
CA THR B 354 1.39 -3.73 -6.77
C THR B 354 0.47 -2.56 -7.10
N CYS B 355 -0.80 -2.86 -7.29
CA CYS B 355 -1.81 -1.86 -7.64
C CYS B 355 -1.78 -0.57 -6.86
N THR B 356 -1.39 -0.64 -5.59
CA THR B 356 -1.33 0.56 -4.78
C THR B 356 -0.19 1.39 -5.37
N GLU B 357 0.97 0.74 -5.49
CA GLU B 357 2.14 1.37 -6.05
C GLU B 357 1.80 1.91 -7.43
N LEU B 358 0.80 1.31 -8.05
CA LEU B 358 0.39 1.74 -9.37
C LEU B 358 -0.53 2.92 -9.29
N TYR B 359 -1.17 3.13 -8.15
CA TYR B 359 -2.07 4.26 -8.04
C TYR B 359 -1.31 5.50 -7.62
N GLN B 360 -0.33 5.33 -6.75
CA GLN B 360 0.43 6.48 -6.30
C GLN B 360 1.39 6.98 -7.37
N GLN B 361 1.61 6.17 -8.40
CA GLN B 361 2.50 6.55 -9.50
C GLN B 361 1.67 7.05 -10.66
N ARG B 362 0.37 7.21 -10.43
CA ARG B 362 -0.52 7.63 -11.49
C ARG B 362 -0.03 8.81 -12.28
N ALA B 363 0.61 9.76 -11.61
CA ALA B 363 1.12 10.95 -12.31
C ALA B 363 2.19 10.62 -13.33
N LEU B 364 3.30 10.03 -12.88
CA LEU B 364 4.37 9.71 -13.81
C LEU B 364 3.82 8.92 -14.97
N LEU B 365 3.12 7.83 -14.70
CA LEU B 365 2.56 7.01 -15.76
C LEU B 365 1.84 7.87 -16.80
N SER B 366 1.20 8.94 -16.32
CA SER B 366 0.45 9.88 -17.15
C SER B 366 1.29 10.51 -18.26
N LEU B 367 2.57 10.74 -17.96
CA LEU B 367 3.46 11.35 -18.93
C LEU B 367 4.37 10.33 -19.55
N LEU B 368 4.18 9.06 -19.19
CA LEU B 368 5.05 8.02 -19.74
C LEU B 368 4.41 6.98 -20.66
N PHE B 369 3.08 6.86 -20.63
CA PHE B 369 2.40 5.87 -21.46
C PHE B 369 1.28 6.46 -22.30
N SER B 370 0.98 5.80 -23.42
CA SER B 370 -0.05 6.28 -24.33
C SER B 370 -1.28 6.68 -23.53
N GLU B 371 -2.05 7.63 -24.05
CA GLU B 371 -3.23 8.06 -23.32
C GLU B 371 -4.09 6.86 -22.97
N THR B 372 -3.78 5.72 -23.57
CA THR B 372 -4.53 4.50 -23.32
C THR B 372 -3.95 3.78 -22.12
N SER B 373 -2.74 3.25 -22.28
CA SER B 373 -2.10 2.55 -21.20
C SER B 373 -2.36 3.22 -19.85
N TRP B 374 -1.99 4.49 -19.70
CA TRP B 374 -2.18 5.14 -18.41
C TRP B 374 -3.63 5.27 -18.03
N HIS B 375 -4.49 5.45 -19.03
CA HIS B 375 -5.91 5.52 -18.75
C HIS B 375 -6.28 4.13 -18.22
N TYR B 376 -5.75 3.11 -18.89
CA TYR B 376 -5.98 1.74 -18.50
C TYR B 376 -5.49 1.48 -17.08
N PHE B 377 -4.19 1.71 -16.85
CA PHE B 377 -3.58 1.54 -15.53
C PHE B 377 -4.41 2.17 -14.43
N LEU B 378 -4.79 3.42 -14.65
CA LEU B 378 -5.57 4.14 -13.67
C LEU B 378 -6.87 3.45 -13.30
N HIS B 379 -7.42 2.64 -14.20
CA HIS B 379 -8.64 1.93 -13.85
C HIS B 379 -8.25 0.76 -12.97
N ILE B 380 -7.27 -0.01 -13.43
CA ILE B 380 -6.77 -1.14 -12.68
C ILE B 380 -6.42 -0.75 -11.25
N SER B 381 -5.74 0.38 -11.10
CA SER B 381 -5.32 0.85 -9.78
C SER B 381 -6.52 1.19 -8.93
N LEU B 382 -7.57 1.70 -9.54
CA LEU B 382 -8.76 2.04 -8.79
C LEU B 382 -9.69 0.85 -8.66
N GLY B 383 -9.35 -0.24 -9.34
CA GLY B 383 -10.15 -1.46 -9.29
C GLY B 383 -11.42 -1.36 -10.10
N LEU B 384 -11.39 -0.50 -11.12
CA LEU B 384 -12.54 -0.32 -11.99
C LEU B 384 -12.45 -1.31 -13.12
N GLY B 385 -13.61 -1.78 -13.57
CA GLY B 385 -13.62 -2.75 -14.66
C GLY B 385 -14.98 -2.74 -15.32
N SER B 386 -15.08 -3.23 -16.56
CA SER B 386 -16.36 -3.24 -17.25
C SER B 386 -17.46 -3.87 -16.42
N THR B 387 -18.66 -3.33 -16.55
CA THR B 387 -19.78 -3.83 -15.78
C THR B 387 -20.90 -4.43 -16.62
N HIS B 388 -20.94 -4.10 -17.91
CA HIS B 388 -21.98 -4.66 -18.79
C HIS B 388 -21.34 -5.47 -19.91
N LEU B 389 -21.44 -6.79 -19.83
CA LEU B 389 -20.86 -7.65 -20.84
C LEU B 389 -21.54 -7.40 -22.18
N THR B 390 -20.78 -6.94 -23.19
CA THR B 390 -21.39 -6.66 -24.50
C THR B 390 -20.92 -7.61 -25.61
N ARG B 391 -21.86 -7.94 -26.51
CA ARG B 391 -21.63 -8.83 -27.66
C ARG B 391 -20.50 -8.27 -28.55
N ASP B 392 -19.44 -9.06 -28.74
CA ASP B 392 -18.27 -8.62 -29.52
C ASP B 392 -18.58 -8.15 -30.95
N GLY B 393 -18.32 -6.87 -31.21
CA GLY B 393 -18.54 -6.30 -32.52
C GLY B 393 -18.02 -7.19 -33.64
N GLU B 394 -18.93 -7.94 -34.25
CA GLU B 394 -18.60 -8.85 -35.33
C GLU B 394 -17.19 -9.39 -35.18
N ARG B 395 -16.34 -9.10 -36.16
CA ARG B 395 -14.97 -9.61 -36.12
C ARG B 395 -13.96 -8.60 -36.66
N LYS B 396 -12.69 -8.77 -36.27
CA LYS B 396 -11.63 -7.89 -36.71
C LYS B 396 -10.82 -8.48 -37.84
N SER B 397 -10.45 -9.74 -37.72
CA SER B 397 -9.66 -10.38 -38.77
C SER B 397 -9.90 -11.88 -38.84
N MET B 398 -9.07 -12.55 -39.63
CA MET B 398 -9.12 -13.99 -39.78
C MET B 398 -7.83 -14.38 -40.46
N SER B 399 -7.12 -15.33 -39.89
CA SER B 399 -5.84 -15.72 -40.46
C SER B 399 -5.54 -17.20 -40.42
N VAL B 400 -4.35 -17.54 -40.93
CA VAL B 400 -3.85 -18.90 -40.95
C VAL B 400 -2.33 -18.85 -41.07
N GLU B 401 -1.67 -19.65 -40.24
CA GLU B 401 -0.22 -19.71 -40.24
C GLU B 401 0.21 -21.16 -40.02
N ARG B 402 1.37 -21.52 -40.53
CA ARG B 402 1.86 -22.87 -40.37
C ARG B 402 3.35 -22.85 -40.03
N THR B 403 3.75 -23.63 -39.02
CA THR B 403 5.16 -23.69 -38.66
C THR B 403 5.72 -24.97 -39.22
N PHE B 404 6.98 -24.97 -39.62
CA PHE B 404 7.51 -26.15 -40.26
C PHE B 404 9.03 -26.15 -40.40
N SER B 405 9.57 -27.21 -41.02
CA SER B 405 11.02 -27.31 -41.25
C SER B 405 11.36 -26.30 -42.34
N GLU B 406 12.59 -25.82 -42.39
CA GLU B 406 12.96 -24.80 -43.37
C GLU B 406 12.36 -25.00 -44.75
N ILE B 407 12.10 -23.90 -45.45
CA ILE B 407 11.51 -23.93 -46.78
C ILE B 407 12.05 -22.76 -47.60
N ASN B 408 13.34 -22.82 -47.90
CA ASN B 408 14.06 -21.79 -48.65
C ASN B 408 13.54 -21.59 -50.09
N LYS B 409 13.39 -22.71 -50.81
CA LYS B 409 12.96 -22.80 -52.23
C LYS B 409 11.82 -21.89 -52.71
N ALA B 410 12.19 -20.78 -53.33
CA ALA B 410 11.24 -19.79 -53.84
C ALA B 410 9.98 -20.33 -54.52
N GLU B 411 10.13 -21.16 -55.54
CA GLU B 411 8.96 -21.71 -56.23
C GLU B 411 8.12 -22.53 -55.25
N GLU B 412 8.79 -23.19 -54.32
CA GLU B 412 8.12 -23.99 -53.30
C GLU B 412 7.27 -23.13 -52.38
N GLN B 413 7.85 -22.05 -51.88
CA GLN B 413 7.16 -21.14 -50.98
C GLN B 413 5.80 -20.71 -51.54
N TYR B 414 5.79 -20.12 -52.73
CA TYR B 414 4.54 -19.68 -53.33
C TYR B 414 3.44 -20.72 -53.19
N SER B 415 3.82 -21.99 -53.40
CA SER B 415 2.89 -23.11 -53.30
C SER B 415 2.12 -23.11 -51.99
N LEU B 416 2.85 -23.07 -50.88
CA LEU B 416 2.24 -23.07 -49.56
C LEU B 416 1.44 -21.80 -49.30
N CYS B 417 1.91 -20.68 -49.82
CA CYS B 417 1.20 -19.43 -49.64
C CYS B 417 -0.20 -19.55 -50.20
N GLN B 418 -0.26 -19.92 -51.49
CA GLN B 418 -1.53 -20.08 -52.19
C GLN B 418 -2.41 -21.06 -51.43
N GLU B 419 -1.84 -22.19 -51.02
CA GLU B 419 -2.60 -23.19 -50.29
C GLU B 419 -3.16 -22.62 -48.98
N LEU B 420 -2.66 -21.46 -48.57
CA LEU B 420 -3.13 -20.82 -47.34
C LEU B 420 -4.35 -19.97 -47.64
N CYS B 421 -4.20 -19.04 -48.58
CA CYS B 421 -5.31 -18.18 -48.98
C CYS B 421 -6.48 -19.12 -49.14
N SER B 422 -6.17 -20.24 -49.77
CA SER B 422 -7.15 -21.29 -50.01
C SER B 422 -7.87 -21.64 -48.71
N GLU B 423 -7.12 -22.16 -47.72
CA GLU B 423 -7.75 -22.52 -46.48
C GLU B 423 -8.50 -21.29 -45.98
N LEU B 424 -7.84 -20.14 -46.03
CA LEU B 424 -8.45 -18.91 -45.56
C LEU B 424 -9.77 -18.60 -46.24
N ALA B 425 -9.80 -18.70 -47.57
CA ALA B 425 -11.01 -18.43 -48.32
C ALA B 425 -12.14 -19.30 -47.77
N GLN B 426 -11.93 -20.60 -47.72
CA GLN B 426 -12.97 -21.51 -47.22
C GLN B 426 -13.44 -21.01 -45.88
N ASP B 427 -12.49 -20.85 -44.97
CA ASP B 427 -12.75 -20.38 -43.62
C ASP B 427 -13.61 -19.11 -43.61
N LEU B 428 -13.18 -18.15 -44.43
CA LEU B 428 -13.82 -16.84 -44.59
C LEU B 428 -15.24 -16.93 -45.18
N GLN B 429 -15.33 -17.36 -46.44
CA GLN B 429 -16.60 -17.51 -47.16
C GLN B 429 -17.58 -18.42 -46.41
N LYS B 430 -17.14 -18.95 -45.28
CA LYS B 430 -17.96 -19.84 -44.46
C LYS B 430 -18.66 -19.07 -43.36
N GLU B 431 -18.57 -17.74 -43.45
CA GLU B 431 -19.22 -16.86 -42.49
C GLU B 431 -19.64 -15.67 -43.32
N ARG B 432 -19.49 -15.83 -44.63
CA ARG B 432 -19.81 -14.82 -45.64
C ARG B 432 -19.23 -13.43 -45.41
N LEU B 433 -17.91 -13.38 -45.25
CA LEU B 433 -17.22 -12.11 -45.06
C LEU B 433 -16.50 -11.81 -46.35
N LYS B 434 -16.17 -10.55 -46.54
CA LYS B 434 -15.44 -10.13 -47.73
C LYS B 434 -14.62 -8.93 -47.29
N GLY B 435 -13.36 -9.20 -46.95
CA GLY B 435 -12.47 -8.14 -46.50
C GLY B 435 -11.78 -7.36 -47.59
N ARG B 436 -11.19 -6.23 -47.21
CA ARG B 436 -10.48 -5.39 -48.16
C ARG B 436 -9.03 -5.11 -47.74
N THR B 437 -8.45 -6.04 -46.96
CA THR B 437 -7.06 -5.93 -46.48
C THR B 437 -6.38 -7.29 -46.27
N VAL B 438 -5.35 -7.57 -47.05
CA VAL B 438 -4.64 -8.83 -46.95
C VAL B 438 -3.26 -8.64 -46.34
N THR B 439 -2.95 -9.48 -45.34
CA THR B 439 -1.67 -9.44 -44.62
C THR B 439 -0.99 -10.83 -44.59
N ILE B 440 0.32 -10.84 -44.80
CA ILE B 440 1.08 -12.08 -44.80
C ILE B 440 2.20 -12.00 -43.76
N LYS B 441 2.43 -13.10 -43.04
CA LYS B 441 3.47 -13.11 -42.02
C LYS B 441 4.59 -14.06 -42.42
N LEU B 442 5.82 -13.60 -42.27
CA LEU B 442 6.99 -14.41 -42.61
C LEU B 442 7.96 -14.47 -41.44
N LYS B 443 8.23 -15.68 -40.95
CA LYS B 443 9.15 -15.83 -39.83
C LYS B 443 10.34 -16.70 -40.18
N ASN B 444 11.54 -16.11 -40.18
CA ASN B 444 12.80 -16.81 -40.49
C ASN B 444 12.99 -18.05 -39.63
N VAL B 445 14.16 -18.68 -39.75
CA VAL B 445 14.42 -19.87 -38.94
C VAL B 445 15.07 -19.39 -37.65
N ASN B 446 15.36 -18.09 -37.60
CA ASN B 446 15.93 -17.45 -36.42
C ASN B 446 14.80 -16.61 -35.81
N PHE B 447 13.58 -16.91 -36.25
CA PHE B 447 12.36 -16.26 -35.78
C PHE B 447 12.23 -14.78 -36.04
N GLU B 448 12.99 -14.26 -37.00
CA GLU B 448 12.91 -12.83 -37.34
C GLU B 448 11.56 -12.59 -38.03
N VAL B 449 10.49 -12.57 -37.26
CA VAL B 449 9.17 -12.37 -37.80
C VAL B 449 9.09 -11.06 -38.56
N LYS B 450 8.26 -11.07 -39.60
CA LYS B 450 8.05 -9.90 -40.44
C LYS B 450 6.62 -9.94 -40.95
N THR B 451 6.08 -8.76 -41.22
CA THR B 451 4.72 -8.67 -41.69
C THR B 451 4.49 -7.58 -42.75
N ARG B 452 4.42 -7.99 -44.01
CA ARG B 452 4.15 -7.05 -45.09
C ARG B 452 2.68 -7.26 -45.39
N ALA B 453 2.00 -6.19 -45.81
CA ALA B 453 0.58 -6.32 -46.09
C ALA B 453 0.07 -5.19 -46.99
N SER B 454 -0.88 -5.52 -47.86
CA SER B 454 -1.47 -4.55 -48.78
C SER B 454 -2.96 -4.42 -48.53
N THR B 455 -3.50 -3.26 -48.89
CA THR B 455 -4.91 -3.01 -48.72
C THR B 455 -5.53 -2.38 -49.98
N VAL B 456 -6.78 -2.74 -50.26
CA VAL B 456 -7.51 -2.23 -51.42
C VAL B 456 -9.00 -2.11 -51.07
N SER B 457 -9.79 -1.62 -52.02
CA SER B 457 -11.24 -1.47 -51.83
C SER B 457 -11.99 -2.57 -52.58
N SER B 458 -11.21 -3.43 -53.23
CA SER B 458 -11.75 -4.54 -54.01
C SER B 458 -12.65 -5.43 -53.16
N VAL B 459 -12.58 -5.28 -51.84
CA VAL B 459 -13.39 -6.07 -50.91
C VAL B 459 -13.36 -7.57 -51.26
N VAL B 460 -12.14 -8.10 -51.33
CA VAL B 460 -11.85 -9.49 -51.68
C VAL B 460 -12.47 -10.54 -50.75
N SER B 461 -12.59 -11.78 -51.24
CA SER B 461 -13.16 -12.88 -50.45
C SER B 461 -12.95 -14.28 -51.03
N THR B 462 -12.29 -14.35 -52.19
CA THR B 462 -12.04 -15.63 -52.86
C THR B 462 -10.61 -16.13 -52.74
N ALA B 463 -10.44 -17.45 -52.83
CA ALA B 463 -9.11 -18.03 -52.74
C ALA B 463 -8.17 -17.33 -53.71
N GLU B 464 -8.51 -17.37 -54.99
CA GLU B 464 -7.71 -16.75 -56.04
C GLU B 464 -7.51 -15.28 -55.74
N GLU B 465 -8.63 -14.56 -55.63
CA GLU B 465 -8.63 -13.14 -55.33
C GLU B 465 -7.57 -12.82 -54.27
N ILE B 466 -7.63 -13.54 -53.16
CA ILE B 466 -6.70 -13.37 -52.05
C ILE B 466 -5.28 -13.65 -52.50
N PHE B 467 -5.05 -14.83 -53.05
CA PHE B 467 -3.73 -15.22 -53.53
C PHE B 467 -3.15 -14.16 -54.45
N ALA B 468 -4.03 -13.48 -55.20
CA ALA B 468 -3.57 -12.43 -56.11
C ALA B 468 -2.65 -11.53 -55.31
N ILE B 469 -3.23 -10.86 -54.32
CA ILE B 469 -2.53 -9.94 -53.43
C ILE B 469 -1.36 -10.61 -52.71
N ALA B 470 -1.66 -11.69 -52.00
CA ALA B 470 -0.62 -12.39 -51.27
C ALA B 470 0.50 -12.83 -52.21
N LYS B 471 0.13 -13.50 -53.30
CA LYS B 471 1.09 -13.98 -54.28
C LYS B 471 2.06 -12.85 -54.60
N GLU B 472 1.52 -11.63 -54.62
CA GLU B 472 2.31 -10.45 -54.90
C GLU B 472 3.16 -10.05 -53.68
N LEU B 473 2.53 -9.93 -52.52
CA LEU B 473 3.26 -9.56 -51.31
C LEU B 473 4.47 -10.44 -51.07
N LEU B 474 4.25 -11.75 -51.10
CA LEU B 474 5.33 -12.71 -50.90
C LEU B 474 6.38 -12.59 -52.00
N LYS B 475 6.01 -11.93 -53.09
CA LYS B 475 6.91 -11.73 -54.23
C LYS B 475 7.77 -10.50 -54.01
N THR B 476 7.17 -9.44 -53.48
CA THR B 476 7.89 -8.21 -53.22
C THR B 476 9.01 -8.49 -52.23
N GLU B 477 8.83 -9.53 -51.42
CA GLU B 477 9.82 -9.93 -50.42
C GLU B 477 11.01 -10.61 -51.09
N ILE B 478 10.78 -11.81 -51.59
CA ILE B 478 11.83 -12.58 -52.26
C ILE B 478 12.70 -11.66 -53.10
N ASP B 479 12.07 -10.70 -53.76
CA ASP B 479 12.79 -9.73 -54.60
C ASP B 479 13.60 -8.77 -53.73
N ALA B 480 13.04 -7.58 -53.49
CA ALA B 480 13.66 -6.52 -52.70
C ALA B 480 14.97 -6.92 -52.02
N ASP B 481 14.91 -7.95 -51.18
CA ASP B 481 16.09 -8.46 -50.49
C ASP B 481 16.28 -9.94 -50.75
N PHE B 482 17.41 -10.46 -50.28
CA PHE B 482 17.75 -11.88 -50.40
C PHE B 482 17.98 -12.42 -51.82
N PRO B 483 19.11 -12.05 -52.47
CA PRO B 483 19.36 -12.57 -53.83
C PRO B 483 19.57 -14.07 -53.71
N HIS B 484 19.67 -14.51 -52.44
CA HIS B 484 19.83 -15.91 -52.07
C HIS B 484 18.57 -16.36 -51.30
N PRO B 485 18.47 -17.66 -50.96
CA PRO B 485 17.31 -18.19 -50.24
C PRO B 485 16.61 -17.30 -49.23
N LEU B 486 15.37 -17.67 -48.94
CA LEU B 486 14.52 -16.98 -47.97
C LEU B 486 14.18 -18.09 -46.98
N ARG B 487 15.10 -18.38 -46.08
CA ARG B 487 14.93 -19.45 -45.10
C ARG B 487 13.72 -19.28 -44.14
N LEU B 488 12.54 -19.72 -44.57
CA LEU B 488 11.32 -19.61 -43.76
C LEU B 488 11.11 -20.80 -42.82
N ARG B 489 10.24 -20.61 -41.84
CA ARG B 489 9.92 -21.67 -40.89
C ARG B 489 8.49 -21.41 -40.43
N LEU B 490 7.91 -20.33 -40.94
CA LEU B 490 6.56 -19.98 -40.59
C LEU B 490 6.00 -18.96 -41.57
N MET B 491 4.76 -19.19 -41.99
CA MET B 491 4.12 -18.29 -42.92
C MET B 491 2.65 -18.25 -42.59
N GLY B 492 2.07 -17.07 -42.68
CA GLY B 492 0.67 -16.92 -42.37
C GLY B 492 0.01 -15.87 -43.23
N VAL B 493 -1.32 -15.93 -43.30
CA VAL B 493 -2.08 -14.97 -44.08
C VAL B 493 -3.30 -14.54 -43.28
N ARG B 494 -3.53 -13.23 -43.21
CA ARG B 494 -4.63 -12.66 -42.45
C ARG B 494 -5.46 -11.73 -43.33
N ILE B 495 -6.78 -11.85 -43.25
CA ILE B 495 -7.65 -10.98 -44.02
C ILE B 495 -8.41 -10.11 -43.02
N SER B 496 -8.32 -8.79 -43.18
CA SER B 496 -9.00 -7.89 -42.25
C SER B 496 -9.65 -6.66 -42.87
N SER B 497 -10.28 -5.86 -42.01
CA SER B 497 -10.96 -4.62 -42.42
C SER B 497 -12.02 -4.90 -43.49
N PHE B 498 -13.27 -5.11 -43.07
CA PHE B 498 -14.30 -5.42 -44.04
C PHE B 498 -15.78 -5.06 -43.81
N PRO B 499 -16.17 -4.80 -42.56
CA PRO B 499 -17.58 -4.48 -42.34
C PRO B 499 -18.06 -3.11 -42.79
N ASN B 500 -19.35 -2.87 -42.54
CA ASN B 500 -20.03 -1.62 -42.83
C ASN B 500 -20.65 -1.22 -41.49
N GLU B 501 -19.86 -0.50 -40.70
CA GLU B 501 -20.28 -0.06 -39.37
C GLU B 501 -21.30 1.07 -39.48
N GLU B 502 -22.29 0.91 -40.25
P 8OG D 5 6.64 -22.01 -32.08
OP1 8OG D 5 7.33 -22.30 -33.36
OP2 8OG D 5 6.54 -20.59 -31.65
O5' 8OG D 5 5.16 -22.64 -32.20
C5' 8OG D 5 5.04 -24.03 -32.47
C4' 8OG D 5 3.61 -24.38 -32.83
O4' 8OG D 5 2.83 -24.24 -31.62
C3' 8OG D 5 3.04 -23.35 -33.81
O3' 8OG D 5 2.17 -23.95 -34.76
C2' 8OG D 5 2.27 -22.41 -32.90
C1' 8OG D 5 1.67 -23.47 -31.97
N9 8OG D 5 1.03 -22.91 -30.75
C8 8OG D 5 -0.19 -23.15 -30.32
N7 8OG D 5 -0.43 -22.54 -29.16
C5 8OG D 5 0.69 -21.89 -28.85
C6 8OG D 5 1.06 -21.09 -27.77
O6 8OG D 5 0.26 -20.86 -26.86
N1 8OG D 5 2.35 -20.54 -27.74
C2 8OG D 5 3.24 -20.80 -28.78
N2 8OG D 5 4.46 -20.28 -28.77
N3 8OG D 5 2.85 -21.59 -29.80
C4 8OG D 5 1.62 -22.12 -29.85
O8 8OG D 5 -1.02 -23.87 -30.90
P 8OG F 5 1.53 8.63 38.53
OP1 8OG F 5 1.12 8.91 39.92
OP2 8OG F 5 0.59 8.94 37.43
O5' 8OG F 5 2.90 9.42 38.29
C5' 8OG F 5 3.98 9.25 39.21
C4' 8OG F 5 4.91 10.43 39.16
O4' 8OG F 5 5.64 10.40 37.91
C3' 8OG F 5 4.07 11.72 39.10
O3' 8OG F 5 4.75 12.83 39.66
C2' 8OG F 5 3.90 11.91 37.59
C1' 8OG F 5 5.33 11.59 37.18
N9 8OG F 5 5.52 11.39 35.72
C8 8OG F 5 6.50 11.90 34.98
N7 8OG F 5 6.47 11.41 33.74
C5 8OG F 5 5.45 10.57 33.69
C6 8OG F 5 4.94 9.76 32.69
O6 8OG F 5 5.50 9.67 31.60
N1 8OG F 5 3.80 8.97 32.95
C2 8OG F 5 3.22 9.02 34.23
N2 8OG F 5 2.13 8.29 34.48
N3 8OG F 5 3.75 9.80 35.17
C4 8OG F 5 4.83 10.57 34.94
O8 8OG F 5 7.35 12.69 35.39
PG DGT G . 16.00 7.29 22.84
O1G DGT G . 16.55 8.65 23.51
O2G DGT G . 17.04 6.56 21.85
O3G DGT G . 14.80 6.61 23.37
O3B DGT G . 15.32 8.10 21.63
PB DGT G . 13.89 8.76 21.90
O1B DGT G . 13.55 9.70 20.81
O2B DGT G . 13.89 9.26 23.30
O3A DGT G . 12.91 7.49 21.80
PA DGT G . 11.32 7.77 21.79
O1A DGT G . 11.00 9.27 21.30
O2A DGT G . 10.32 6.69 21.75
O5' DGT G . 11.31 8.07 23.37
C5' DGT G . 10.90 9.32 23.93
C4' DGT G . 11.70 9.66 25.18
O4' DGT G . 11.11 10.72 25.95
C3' DGT G . 11.71 8.52 26.20
O3' DGT G . 12.65 7.52 25.79
C2' DGT G . 12.26 9.25 27.42
C1' DGT G . 11.90 10.72 27.15
N9 DGT G . 11.15 11.31 28.28
C8 DGT G . 11.55 12.35 29.01
N7 DGT G . 10.67 12.56 29.99
C5 DGT G . 9.70 11.65 29.88
C6 DGT G . 8.55 11.38 30.62
O6 DGT G . 8.27 12.05 31.62
N1 DGT G . 7.74 10.32 30.23
C2 DGT G . 8.07 9.56 29.11
N2 DGT G . 7.29 8.56 28.72
N3 DGT G . 9.19 9.84 28.42
C4 DGT G . 10.00 10.86 28.78
CA CA H . 11.82 9.88 18.09
CA CA I . 15.89 11.20 22.96
PG DGT J . -6.32 -24.28 -14.69
O1G DGT J . -7.91 -24.48 -14.58
O2G DGT J . -5.58 -24.21 -13.26
O3G DGT J . -5.57 -24.54 -15.94
O3B DGT J . -6.47 -22.69 -14.80
PB DGT J . -6.67 -22.01 -16.24
O1B DGT J . -7.49 -20.79 -16.10
O2B DGT J . -7.11 -23.06 -17.19
O3A DGT J . -5.15 -21.60 -16.62
PA DGT J . -4.72 -20.04 -16.70
O1A DGT J . -5.90 -19.05 -16.24
O2A DGT J . -3.30 -19.63 -16.71
O5' DGT J . -5.04 -19.91 -18.28
C5' DGT J . -6.17 -20.57 -18.85
C4' DGT J . -5.77 -21.74 -19.75
O4' DGT J . -5.48 -21.42 -21.12
C3' DGT J . -4.56 -22.57 -19.29
O3' DGT J . -5.01 -23.67 -18.50
C2' DGT J . -3.99 -23.10 -20.61
C1' DGT J . -5.12 -22.74 -21.58
N9 DGT J . -4.73 -22.77 -23.02
C8 DGT J . -5.48 -23.34 -23.97
N7 DGT J . -4.87 -23.17 -25.14
C5 DGT J . -3.75 -22.50 -24.94
C6 DGT J . -2.74 -22.06 -25.79
O6 DGT J . -2.80 -22.27 -27.00
N1 DGT J . -1.65 -21.36 -25.24
C2 DGT J . -1.61 -21.13 -23.86
N2 DGT J . -0.59 -20.48 -23.34
N3 DGT J . -2.60 -21.58 -23.08
C4 DGT J . -3.65 -22.24 -23.58
CA CA K . -8.17 -17.39 -15.95
CA CA L . -9.77 -23.55 -16.92
#